data_3G33
#
_entry.id   3G33
#
_cell.length_a   141.297
_cell.length_b   141.297
_cell.length_c   143.530
_cell.angle_alpha   90.00
_cell.angle_beta   90.00
_cell.angle_gamma   90.00
#
_symmetry.space_group_name_H-M   'P 42 21 2'
#
loop_
_entity.id
_entity.type
_entity.pdbx_description
1 polymer 'Cell division protein kinase 4'
2 polymer 'CCND3 protein'
#
loop_
_entity_poly.entity_id
_entity_poly.type
_entity_poly.pdbx_seq_one_letter_code
_entity_poly.pdbx_strand_id
1 'polypeptide(L)'
;GPLGSMATSRYEPVAEIGVGAYGTVYKARDPHSGHFVALKSVRVPNGGGGGGGLPISTVREVALLRRLEAFEHPNVVRLM
DVCATSRTDREIKVTLVFEHVDQDLRTYLDKAPPPGLPAETIKDLMRQFLRGLDFLHANCIVHRDLKPENILVTSGGTVK
LADFGLARIYSYQMALTPVVVTLWYRAPEVLLQSTYATPVDMWSVGCIFAEMFRRKPLFCGNSEADQLGKIFDLIGLPPE
DDWPRDVSLPRGAFPPRGPRPVQSVVPEMEESGAQLLLEMLTFNPHKRISAFRALQHSYLHKDEGNPE
;
A,C
2 'polypeptide(L)'
;MDYKDDDDKSPGGSMELLCCEGTRHAPRAGPDPRLLGDQRVLQSLLRLEERYVPRASYFQCVQREIKPHMRKMLAYWMLE
VCEEQRCEEEVFPLAMNYLDRYLSCVPTRKAQLQLLGAVCMLLASKLRETTPLTIEKLCIYTDHAVSPRQLRDWEVLVLG
KLKWDLAAVIAHDFLAFILHRLSLPRDRQALVKKHAQTFLALCATDYTFAMYPPSMIATGSIGAAVQGLGACSMSGDELT
ELLAGITGTEVDCLRACQEQIEAALRESLREAAQTSSSPAPKAPRGSSSQGPSQTSTPTDVTAIHL
;
B,D
#
# COMPACT_ATOMS: atom_id res chain seq x y z
N ARG A 10 0.56 -12.15 38.52
CA ARG A 10 -0.33 -11.85 39.67
C ARG A 10 -1.12 -13.09 40.13
N TYR A 11 -1.04 -14.15 39.34
CA TYR A 11 -1.67 -15.42 39.69
C TYR A 11 -0.77 -16.24 40.58
N GLU A 12 -1.37 -17.08 41.42
CA GLU A 12 -0.61 -17.98 42.28
C GLU A 12 -0.63 -19.39 41.68
N PRO A 13 0.56 -19.95 41.41
CA PRO A 13 0.67 -21.33 40.94
C PRO A 13 0.81 -22.30 42.11
N VAL A 14 0.08 -23.40 42.07
CA VAL A 14 0.09 -24.37 43.16
C VAL A 14 0.47 -25.78 42.71
N ALA A 15 0.01 -26.17 41.52
CA ALA A 15 0.29 -27.50 41.01
C ALA A 15 0.66 -27.44 39.53
N GLU A 16 0.99 -28.59 38.94
CA GLU A 16 1.44 -28.58 37.55
C GLU A 16 0.76 -29.61 36.66
N ILE A 17 0.48 -29.20 35.42
CA ILE A 17 -0.14 -30.05 34.42
C ILE A 17 0.92 -30.67 33.51
N GLY A 18 0.60 -31.84 32.97
CA GLY A 18 1.55 -32.59 32.14
C GLY A 18 2.15 -31.82 30.98
N VAL A 19 3.15 -32.41 30.34
CA VAL A 19 3.85 -31.78 29.23
C VAL A 19 3.46 -32.42 27.91
N GLY A 20 3.12 -31.58 26.93
CA GLY A 20 2.77 -32.06 25.59
C GLY A 20 3.63 -31.42 24.53
N ALA A 21 2.99 -30.75 23.57
CA ALA A 21 3.71 -30.06 22.51
C ALA A 21 3.65 -28.55 22.74
N TYR A 22 3.66 -28.15 24.00
CA TYR A 22 3.56 -26.73 24.35
C TYR A 22 4.32 -26.37 25.62
N GLY A 23 5.02 -27.35 26.19
CA GLY A 23 5.90 -27.11 27.33
C GLY A 23 5.21 -27.27 28.68
N THR A 24 5.81 -26.66 29.70
CA THR A 24 5.28 -26.73 31.06
C THR A 24 4.01 -25.90 31.22
N VAL A 25 2.90 -26.56 31.55
CA VAL A 25 1.65 -25.88 31.81
C VAL A 25 1.39 -25.84 33.30
N TYR A 26 1.40 -24.65 33.89
CA TYR A 26 1.22 -24.50 35.33
C TYR A 26 -0.24 -24.37 35.72
N LYS A 27 -0.60 -25.03 36.81
CA LYS A 27 -1.93 -24.91 37.39
C LYS A 27 -1.87 -23.85 38.49
N ALA A 28 -2.69 -22.81 38.37
CA ALA A 28 -2.62 -21.69 39.29
C ALA A 28 -3.99 -21.27 39.84
N ARG A 29 -3.97 -20.43 40.87
CA ARG A 29 -5.18 -19.93 41.50
C ARG A 29 -5.40 -18.46 41.18
N ASP A 30 -6.65 -18.10 40.88
CA ASP A 30 -7.02 -16.70 40.74
C ASP A 30 -7.51 -16.19 42.09
N PRO A 31 -6.68 -15.41 42.78
CA PRO A 31 -6.99 -14.95 44.14
C PRO A 31 -8.30 -14.18 44.20
N HIS A 32 -8.92 -13.94 43.04
CA HIS A 32 -10.18 -13.22 43.00
C HIS A 32 -11.37 -14.16 42.90
N SER A 33 -11.46 -14.92 41.81
CA SER A 33 -12.60 -15.79 41.57
C SER A 33 -12.53 -17.08 42.38
N GLY A 34 -11.33 -17.51 42.72
CA GLY A 34 -11.14 -18.78 43.41
C GLY A 34 -11.10 -19.93 42.43
N HIS A 35 -11.27 -19.62 41.15
CA HIS A 35 -11.18 -20.62 40.09
C HIS A 35 -9.71 -20.92 39.76
N PHE A 36 -9.45 -22.13 39.29
CA PHE A 36 -8.11 -22.50 38.87
C PHE A 36 -7.90 -22.11 37.41
N VAL A 37 -6.68 -21.68 37.09
CA VAL A 37 -6.35 -21.29 35.72
C VAL A 37 -5.13 -22.05 35.24
N ALA A 38 -5.08 -22.30 33.94
CA ALA A 38 -3.94 -22.99 33.34
C ALA A 38 -2.98 -21.99 32.73
N LEU A 39 -1.89 -21.71 33.45
CA LEU A 39 -0.87 -20.79 32.96
C LEU A 39 -0.04 -21.46 31.86
N LYS A 40 0.04 -20.82 30.70
CA LYS A 40 0.78 -21.35 29.57
C LYS A 40 1.71 -20.28 29.00
N SER A 41 3.01 -20.51 29.10
CA SER A 41 3.99 -19.51 28.71
C SER A 41 4.69 -19.80 27.38
N VAL A 42 4.98 -18.72 26.65
CA VAL A 42 5.77 -18.80 25.43
C VAL A 42 6.68 -17.57 25.37
N ARG A 43 7.90 -17.75 24.86
CA ARG A 43 8.81 -16.62 24.72
C ARG A 43 8.74 -16.00 23.32
N VAL A 44 8.43 -14.71 23.25
CA VAL A 44 8.17 -14.03 21.98
C VAL A 44 9.26 -13.04 21.56
N PRO A 45 9.21 -12.55 20.31
CA PRO A 45 10.14 -11.53 19.83
C PRO A 45 9.79 -10.14 20.39
N ASN A 46 10.80 -9.44 20.89
CA ASN A 46 10.56 -8.16 21.55
C ASN A 46 11.17 -6.96 20.82
N GLY A 47 12.22 -7.20 20.04
CA GLY A 47 12.89 -6.13 19.30
C GLY A 47 13.29 -6.57 17.91
N GLY A 48 13.11 -5.68 16.93
CA GLY A 48 13.39 -6.01 15.54
C GLY A 48 14.46 -5.15 14.89
N GLY A 49 14.70 -5.40 13.60
CA GLY A 49 15.71 -4.67 12.84
C GLY A 49 15.13 -3.50 12.07
N GLY A 50 13.87 -3.18 12.38
CA GLY A 50 13.21 -2.02 11.80
C GLY A 50 12.46 -1.30 12.90
N GLY A 51 13.04 -1.31 14.10
CA GLY A 51 12.39 -0.75 15.27
C GLY A 51 11.71 -1.84 16.08
N GLY A 52 11.59 -1.61 17.38
CA GLY A 52 10.92 -2.56 18.27
C GLY A 52 9.55 -2.94 17.73
N GLY A 53 9.33 -4.24 17.58
CA GLY A 53 8.05 -4.72 17.08
C GLY A 53 7.64 -6.04 17.67
N LEU A 54 6.35 -6.35 17.56
CA LEU A 54 5.84 -7.64 17.97
C LEU A 54 5.37 -8.38 16.74
N PRO A 55 5.74 -9.67 16.63
CA PRO A 55 5.42 -10.46 15.46
C PRO A 55 3.93 -10.39 15.20
N ILE A 56 3.58 -9.76 14.09
CA ILE A 56 2.20 -9.57 13.72
C ILE A 56 1.40 -10.86 13.90
N SER A 57 1.95 -11.97 13.43
CA SER A 57 1.25 -13.24 13.46
C SER A 57 0.90 -13.67 14.88
N THR A 58 1.71 -13.24 15.85
CA THR A 58 1.49 -13.62 17.25
C THR A 58 0.41 -12.76 17.91
N VAL A 59 0.46 -11.46 17.65
CA VAL A 59 -0.52 -10.53 18.24
C VAL A 59 -1.90 -10.78 17.63
N ARG A 60 -1.92 -11.25 16.39
CA ARG A 60 -3.17 -11.56 15.71
C ARG A 60 -3.82 -12.81 16.30
N GLU A 61 -3.07 -13.90 16.36
CA GLU A 61 -3.61 -15.17 16.84
C GLU A 61 -4.00 -15.13 18.31
N VAL A 62 -3.28 -14.34 19.10
CA VAL A 62 -3.62 -14.18 20.52
C VAL A 62 -4.89 -13.36 20.65
N ALA A 63 -5.05 -12.37 19.77
CA ALA A 63 -6.24 -11.54 19.76
C ALA A 63 -7.43 -12.31 19.19
N LEU A 64 -7.16 -13.24 18.29
CA LEU A 64 -8.19 -14.07 17.70
C LEU A 64 -8.81 -14.99 18.74
N LEU A 65 -7.96 -15.50 19.65
CA LEU A 65 -8.43 -16.35 20.73
C LEU A 65 -9.28 -15.57 21.73
N ARG A 66 -8.77 -14.42 22.18
CA ARG A 66 -9.51 -13.58 23.11
C ARG A 66 -10.91 -13.30 22.58
N ARG A 67 -11.01 -13.11 21.26
CA ARG A 67 -12.29 -12.81 20.62
C ARG A 67 -13.28 -13.95 20.84
N LEU A 68 -12.82 -15.19 20.70
CA LEU A 68 -13.68 -16.35 20.89
C LEU A 68 -14.31 -16.38 22.27
N GLU A 69 -13.53 -16.03 23.29
CA GLU A 69 -14.04 -16.03 24.65
C GLU A 69 -15.37 -15.30 24.72
N ALA A 70 -15.49 -14.24 23.91
CA ALA A 70 -16.70 -13.42 23.91
C ALA A 70 -17.95 -14.25 23.62
N PHE A 71 -17.86 -15.12 22.62
CA PHE A 71 -18.99 -15.94 22.23
C PHE A 71 -19.41 -16.88 23.36
N GLU A 72 -18.46 -17.19 24.25
CA GLU A 72 -18.74 -18.06 25.39
C GLU A 72 -19.38 -19.37 24.98
N HIS A 73 -18.76 -20.07 24.04
CA HIS A 73 -19.23 -21.40 23.64
C HIS A 73 -18.90 -22.40 24.73
N PRO A 74 -19.86 -23.26 25.07
CA PRO A 74 -19.72 -24.19 26.20
C PRO A 74 -18.75 -25.33 25.93
N ASN A 75 -18.32 -25.48 24.68
CA ASN A 75 -17.50 -26.63 24.29
C ASN A 75 -16.06 -26.30 23.92
N VAL A 76 -15.59 -25.12 24.34
CA VAL A 76 -14.21 -24.73 24.09
C VAL A 76 -13.61 -24.03 25.31
N VAL A 77 -12.33 -24.29 25.56
CA VAL A 77 -11.63 -23.66 26.67
C VAL A 77 -11.46 -22.16 26.40
N ARG A 78 -11.68 -21.35 27.43
CA ARG A 78 -11.60 -19.90 27.29
C ARG A 78 -10.23 -19.35 27.62
N LEU A 79 -9.80 -18.35 26.87
CA LEU A 79 -8.57 -17.62 27.17
C LEU A 79 -8.92 -16.42 28.04
N MET A 80 -8.81 -16.59 29.36
CA MET A 80 -9.25 -15.58 30.31
C MET A 80 -8.43 -14.30 30.26
N ASP A 81 -7.10 -14.44 30.29
CA ASP A 81 -6.23 -13.28 30.43
C ASP A 81 -4.91 -13.50 29.70
N VAL A 82 -4.14 -12.43 29.55
CA VAL A 82 -2.83 -12.51 28.90
C VAL A 82 -1.81 -11.63 29.62
N CYS A 83 -0.71 -12.24 30.06
CA CYS A 83 0.35 -11.52 30.76
C CYS A 83 1.63 -11.47 29.93
N ALA A 84 2.37 -10.38 30.08
CA ALA A 84 3.62 -10.21 29.35
C ALA A 84 4.70 -9.59 30.24
N THR A 85 5.89 -10.16 30.19
CA THR A 85 7.01 -9.66 30.98
C THR A 85 8.30 -9.72 30.16
N SER A 86 8.99 -8.58 30.08
CA SER A 86 10.25 -8.52 29.34
C SER A 86 11.41 -8.99 30.21
N ARG A 87 11.49 -10.30 30.44
CA ARG A 87 12.55 -10.86 31.26
C ARG A 87 13.91 -10.77 30.58
N THR A 88 13.95 -11.13 29.30
CA THR A 88 15.18 -11.00 28.51
C THR A 88 15.22 -9.63 27.83
N ASP A 89 16.42 -9.19 27.48
CA ASP A 89 16.60 -7.90 26.85
C ASP A 89 15.98 -7.87 25.45
N ARG A 90 16.20 -8.94 24.70
CA ARG A 90 15.76 -9.01 23.32
C ARG A 90 14.32 -9.51 23.17
N GLU A 91 14.00 -10.61 23.84
CA GLU A 91 12.68 -11.22 23.71
C GLU A 91 11.76 -10.95 24.90
N ILE A 92 10.55 -11.49 24.83
CA ILE A 92 9.55 -11.26 25.87
C ILE A 92 8.73 -12.52 26.12
N LYS A 93 8.40 -12.77 27.38
CA LYS A 93 7.64 -13.97 27.74
C LYS A 93 6.15 -13.67 27.90
N VAL A 94 5.35 -14.32 27.06
CA VAL A 94 3.91 -14.12 27.08
C VAL A 94 3.21 -15.28 27.78
N THR A 95 2.46 -14.96 28.82
CA THR A 95 1.72 -15.97 29.56
C THR A 95 0.24 -15.92 29.22
N LEU A 96 -0.26 -16.99 28.60
CA LEU A 96 -1.68 -17.07 28.28
C LEU A 96 -2.43 -17.77 29.41
N VAL A 97 -3.36 -17.04 30.02
CA VAL A 97 -4.11 -17.57 31.15
C VAL A 97 -5.40 -18.25 30.68
N PHE A 98 -5.36 -19.57 30.57
CA PHE A 98 -6.51 -20.34 30.08
C PHE A 98 -7.44 -20.79 31.19
N GLU A 99 -8.68 -21.08 30.80
CA GLU A 99 -9.65 -21.67 31.71
C GLU A 99 -9.21 -23.10 32.04
N HIS A 100 -9.04 -23.39 33.32
CA HIS A 100 -8.52 -24.70 33.72
C HIS A 100 -9.60 -25.75 34.01
N VAL A 101 -9.34 -26.97 33.57
CA VAL A 101 -10.19 -28.11 33.88
C VAL A 101 -9.33 -29.36 34.01
N ASP A 102 -9.30 -29.93 35.22
CA ASP A 102 -8.41 -31.05 35.53
C ASP A 102 -8.60 -32.27 34.64
N GLN A 103 -9.81 -32.82 34.62
CA GLN A 103 -10.06 -34.07 33.93
C GLN A 103 -10.04 -33.94 32.41
N ASP A 104 -9.28 -34.81 31.75
CA ASP A 104 -9.26 -34.88 30.30
C ASP A 104 -9.92 -36.18 29.83
N LEU A 105 -9.92 -36.41 28.53
CA LEU A 105 -10.65 -37.54 27.96
C LEU A 105 -9.99 -38.89 28.31
N ARG A 106 -8.67 -38.91 28.40
CA ARG A 106 -7.95 -40.13 28.75
C ARG A 106 -8.29 -40.60 30.17
N THR A 107 -8.27 -39.68 31.11
CA THR A 107 -8.60 -40.00 32.50
C THR A 107 -10.09 -40.30 32.65
N TYR A 108 -10.89 -39.80 31.71
CA TYR A 108 -12.32 -40.06 31.71
C TYR A 108 -12.61 -41.47 31.23
N LEU A 109 -11.83 -41.91 30.23
CA LEU A 109 -11.94 -43.27 29.71
C LEU A 109 -11.17 -44.23 30.61
N ASP A 110 -10.20 -43.69 31.34
CA ASP A 110 -9.35 -44.49 32.21
C ASP A 110 -10.15 -45.00 33.40
N LYS A 111 -11.09 -44.19 33.86
CA LYS A 111 -12.01 -44.58 34.92
C LYS A 111 -13.37 -44.91 34.29
N ALA A 112 -13.36 -45.88 33.38
CA ALA A 112 -14.59 -46.33 32.73
C ALA A 112 -14.81 -47.80 33.02
N PRO A 113 -16.03 -48.15 33.48
CA PRO A 113 -16.33 -49.54 33.82
C PRO A 113 -16.29 -50.46 32.60
N PRO A 114 -16.44 -51.76 32.84
CA PRO A 114 -16.43 -52.86 31.87
C PRO A 114 -17.23 -52.55 30.60
N PRO A 115 -18.55 -52.29 30.75
CA PRO A 115 -19.33 -52.05 29.53
C PRO A 115 -19.03 -50.68 28.93
N GLY A 116 -17.95 -50.04 29.38
CA GLY A 116 -17.59 -48.72 28.89
C GLY A 116 -18.66 -47.68 29.17
N LEU A 117 -18.83 -46.73 28.27
CA LEU A 117 -19.87 -45.72 28.41
C LEU A 117 -21.11 -46.16 27.63
N PRO A 118 -22.29 -46.01 28.24
CA PRO A 118 -23.52 -46.38 27.56
C PRO A 118 -23.64 -45.67 26.22
N ALA A 119 -24.56 -46.13 25.38
CA ALA A 119 -24.75 -45.55 24.05
C ALA A 119 -25.11 -44.07 24.13
N GLU A 120 -25.87 -43.70 25.14
CA GLU A 120 -26.32 -42.32 25.29
C GLU A 120 -25.23 -41.40 25.84
N THR A 121 -24.38 -41.94 26.69
CA THR A 121 -23.30 -41.15 27.28
C THR A 121 -22.23 -40.81 26.24
N ILE A 122 -21.83 -41.79 25.44
CA ILE A 122 -20.87 -41.55 24.36
C ILE A 122 -21.52 -40.66 23.30
N LYS A 123 -22.81 -40.87 23.09
CA LYS A 123 -23.56 -40.08 22.13
C LYS A 123 -23.48 -38.60 22.50
N ASP A 124 -23.76 -38.30 23.76
CA ASP A 124 -23.72 -36.92 24.25
C ASP A 124 -22.31 -36.34 24.15
N LEU A 125 -21.32 -37.12 24.56
CA LEU A 125 -19.93 -36.67 24.51
C LEU A 125 -19.52 -36.30 23.10
N MET A 126 -19.94 -37.11 22.13
CA MET A 126 -19.61 -36.86 20.73
C MET A 126 -20.38 -35.66 20.19
N ARG A 127 -21.57 -35.42 20.73
CA ARG A 127 -22.39 -34.31 20.28
C ARG A 127 -21.75 -32.97 20.66
N GLN A 128 -21.34 -32.86 21.93
CA GLN A 128 -20.68 -31.66 22.40
C GLN A 128 -19.30 -31.50 21.76
N PHE A 129 -18.68 -32.63 21.44
CA PHE A 129 -17.36 -32.63 20.82
C PHE A 129 -17.42 -32.03 19.41
N LEU A 130 -18.50 -32.31 18.70
CA LEU A 130 -18.69 -31.82 17.35
C LEU A 130 -19.29 -30.41 17.33
N ARG A 131 -19.97 -30.06 18.41
CA ARG A 131 -20.55 -28.72 18.54
C ARG A 131 -19.45 -27.67 18.67
N GLY A 132 -18.46 -27.96 19.51
CA GLY A 132 -17.34 -27.06 19.71
C GLY A 132 -16.44 -26.99 18.48
N LEU A 133 -16.23 -28.14 17.85
CA LEU A 133 -15.40 -28.21 16.66
C LEU A 133 -16.00 -27.38 15.54
N ASP A 134 -17.30 -27.56 15.29
CA ASP A 134 -18.00 -26.80 14.27
C ASP A 134 -17.89 -25.31 14.56
N PHE A 135 -17.94 -24.96 15.84
CA PHE A 135 -17.80 -23.58 16.26
C PHE A 135 -16.42 -23.05 15.90
N LEU A 136 -15.39 -23.85 16.17
CA LEU A 136 -14.02 -23.48 15.83
C LEU A 136 -13.86 -23.25 14.33
N HIS A 137 -14.42 -24.16 13.53
CA HIS A 137 -14.32 -24.06 12.08
C HIS A 137 -15.11 -22.88 11.55
N ALA A 138 -16.17 -22.51 12.24
CA ALA A 138 -16.98 -21.36 11.84
C ALA A 138 -16.18 -20.06 12.01
N ASN A 139 -15.29 -20.05 12.99
CA ASN A 139 -14.46 -18.88 13.26
C ASN A 139 -13.09 -18.97 12.62
N CYS A 140 -12.95 -19.86 11.63
CA CYS A 140 -11.72 -19.99 10.87
C CYS A 140 -10.54 -20.46 11.74
N ILE A 141 -10.80 -21.40 12.64
CA ILE A 141 -9.75 -21.95 13.48
C ILE A 141 -9.68 -23.47 13.34
N VAL A 142 -8.52 -23.95 12.93
CA VAL A 142 -8.32 -25.38 12.72
C VAL A 142 -7.42 -25.98 13.79
N HIS A 143 -7.99 -26.82 14.65
CA HIS A 143 -7.21 -27.55 15.64
C HIS A 143 -6.37 -28.59 14.91
N ARG A 144 -5.07 -28.35 14.83
CA ARG A 144 -4.18 -29.17 14.01
C ARG A 144 -3.82 -30.52 14.64
N ASP A 145 -4.15 -30.68 15.92
CA ASP A 145 -3.79 -31.92 16.62
C ASP A 145 -4.74 -32.23 17.77
N LEU A 146 -5.88 -32.83 17.45
CA LEU A 146 -6.85 -33.25 18.46
C LEU A 146 -6.41 -34.56 19.12
N LYS A 147 -6.67 -34.69 20.41
CA LYS A 147 -6.33 -35.91 21.14
C LYS A 147 -6.85 -35.86 22.57
N PRO A 148 -7.17 -37.04 23.13
CA PRO A 148 -7.73 -37.17 24.47
C PRO A 148 -6.95 -36.35 25.51
N GLU A 149 -5.73 -35.96 25.18
CA GLU A 149 -4.90 -35.19 26.10
C GLU A 149 -5.37 -33.74 26.20
N ASN A 150 -5.82 -33.18 25.08
CA ASN A 150 -6.25 -31.78 25.07
C ASN A 150 -7.76 -31.61 24.89
N ILE A 151 -8.49 -32.71 24.97
CA ILE A 151 -9.95 -32.67 24.98
C ILE A 151 -10.43 -32.82 26.42
N LEU A 152 -10.59 -31.69 27.09
CA LEU A 152 -10.89 -31.68 28.53
C LEU A 152 -12.38 -31.90 28.82
N VAL A 153 -12.66 -32.62 29.89
CA VAL A 153 -14.02 -32.85 30.34
C VAL A 153 -14.20 -32.42 31.79
N THR A 154 -15.08 -31.46 32.02
CA THR A 154 -15.33 -30.96 33.37
C THR A 154 -16.08 -31.98 34.21
N SER A 155 -16.07 -31.78 35.53
CA SER A 155 -16.76 -32.69 36.44
C SER A 155 -18.25 -32.72 36.14
N GLY A 156 -18.76 -31.63 35.57
CA GLY A 156 -20.18 -31.53 35.23
C GLY A 156 -20.56 -32.43 34.07
N GLY A 157 -19.57 -32.77 33.25
CA GLY A 157 -19.79 -33.64 32.10
C GLY A 157 -19.71 -32.90 30.78
N THR A 158 -19.39 -31.61 30.85
CA THR A 158 -19.28 -30.79 29.65
C THR A 158 -17.92 -30.98 28.97
N VAL A 159 -17.94 -31.06 27.65
CA VAL A 159 -16.72 -31.26 26.88
C VAL A 159 -16.17 -29.93 26.38
N LYS A 160 -14.95 -29.61 26.78
CA LYS A 160 -14.29 -28.36 26.37
C LYS A 160 -12.98 -28.63 25.66
N LEU A 161 -12.89 -28.19 24.40
CA LEU A 161 -11.67 -28.35 23.61
C LEU A 161 -10.61 -27.33 24.02
N ALA A 162 -9.35 -27.71 23.93
CA ALA A 162 -8.25 -26.84 24.33
C ALA A 162 -7.04 -26.97 23.41
N ASP A 163 -6.06 -26.08 23.61
CA ASP A 163 -4.83 -26.12 22.82
C ASP A 163 -5.11 -26.04 21.33
N PHE A 164 -5.96 -25.10 20.90
CA PHE A 164 -6.39 -25.11 19.49
C PHE A 164 -5.63 -24.20 18.50
N GLY A 165 -5.87 -22.90 18.54
CA GLY A 165 -5.28 -22.00 17.55
C GLY A 165 -3.92 -21.45 17.92
N LEU A 166 -2.99 -22.34 18.26
CA LEU A 166 -1.67 -21.92 18.74
C LEU A 166 -0.56 -22.27 17.75
N ALA A 167 -0.85 -22.11 16.46
CA ALA A 167 0.08 -22.53 15.42
C ALA A 167 1.31 -21.63 15.30
N ARG A 168 1.11 -20.34 15.07
CA ARG A 168 2.21 -19.43 14.85
C ARG A 168 2.88 -18.97 16.13
N ILE A 169 2.29 -19.33 17.26
CA ILE A 169 2.82 -18.93 18.55
C ILE A 169 3.86 -19.92 19.04
N TYR A 170 3.77 -21.16 18.58
CA TYR A 170 4.69 -22.20 19.04
C TYR A 170 5.74 -22.58 17.99
N SER A 171 5.81 -21.80 16.92
CA SER A 171 6.79 -22.03 15.88
C SER A 171 8.13 -21.38 16.21
N TYR A 172 8.12 -20.49 17.20
CA TYR A 172 9.31 -19.73 17.57
C TYR A 172 10.15 -20.41 18.64
N GLN A 173 9.81 -21.66 18.98
CA GLN A 173 10.49 -22.36 20.06
C GLN A 173 10.69 -23.84 19.75
N MET A 174 11.72 -24.43 20.36
CA MET A 174 12.03 -25.84 20.15
C MET A 174 12.46 -26.51 21.45
N ALA A 175 11.63 -27.39 21.97
CA ALA A 175 11.91 -28.06 23.24
C ALA A 175 12.25 -29.54 23.06
N LEU A 176 11.84 -30.10 21.93
CA LEU A 176 12.08 -31.52 21.66
C LEU A 176 10.78 -32.32 21.73
N THR A 177 9.68 -31.62 21.99
CA THR A 177 8.37 -32.25 22.08
C THR A 177 8.06 -33.07 20.82
N PRO A 178 8.55 -32.59 19.67
CA PRO A 178 8.32 -33.26 18.38
C PRO A 178 8.79 -34.70 18.41
N VAL A 179 9.90 -34.95 19.09
CA VAL A 179 10.48 -36.29 19.17
C VAL A 179 9.46 -37.32 19.65
N VAL A 180 8.60 -36.91 20.58
CA VAL A 180 7.58 -37.80 21.11
C VAL A 180 6.18 -37.35 20.69
N VAL A 181 6.12 -36.51 19.66
CA VAL A 181 4.85 -36.04 19.14
C VAL A 181 3.98 -37.22 18.74
N THR A 182 2.77 -37.28 19.29
CA THR A 182 1.86 -38.38 18.97
C THR A 182 1.22 -38.18 17.60
N LEU A 183 1.52 -39.08 16.68
CA LEU A 183 0.96 -39.01 15.33
C LEU A 183 -0.09 -40.09 15.10
N TRP A 184 -0.74 -40.54 16.18
CA TRP A 184 -1.78 -41.55 16.08
C TRP A 184 -3.07 -40.96 15.52
N TYR A 185 -3.38 -39.74 15.94
CA TYR A 185 -4.63 -39.09 15.53
C TYR A 185 -4.42 -38.17 14.32
N ARG A 186 -3.22 -38.20 13.77
CA ARG A 186 -2.89 -37.37 12.60
C ARG A 186 -3.71 -37.76 11.38
N ALA A 187 -4.05 -36.78 10.56
CA ALA A 187 -4.76 -37.04 9.31
C ALA A 187 -3.76 -37.45 8.22
N PRO A 188 -4.21 -38.33 7.31
CA PRO A 188 -3.34 -38.88 6.26
C PRO A 188 -2.67 -37.78 5.43
N GLU A 189 -3.42 -36.74 5.09
CA GLU A 189 -2.86 -35.66 4.27
C GLU A 189 -1.72 -34.93 4.98
N VAL A 190 -1.83 -34.77 6.29
CA VAL A 190 -0.79 -34.13 7.07
C VAL A 190 0.48 -34.98 7.06
N LEU A 191 0.32 -36.28 7.30
CA LEU A 191 1.45 -37.19 7.22
C LEU A 191 2.05 -37.12 5.82
N LEU A 192 1.20 -36.89 4.83
CA LEU A 192 1.64 -36.83 3.43
C LEU A 192 2.06 -35.43 3.01
N GLN A 193 1.64 -34.43 3.77
CA GLN A 193 2.02 -33.04 3.51
C GLN A 193 1.48 -32.54 2.17
N SER A 194 0.32 -33.07 1.76
CA SER A 194 -0.30 -32.64 0.52
C SER A 194 -0.83 -31.21 0.66
N THR A 195 -1.90 -31.06 1.44
CA THR A 195 -2.49 -29.76 1.70
C THR A 195 -3.15 -29.73 3.07
N TYR A 196 -2.99 -28.63 3.78
CA TYR A 196 -3.64 -28.45 5.07
C TYR A 196 -5.07 -27.96 4.86
N ALA A 197 -6.04 -28.74 5.31
CA ALA A 197 -7.44 -28.36 5.18
C ALA A 197 -8.13 -28.32 6.53
N THR A 198 -9.43 -28.05 6.51
CA THR A 198 -10.24 -28.05 7.72
C THR A 198 -10.56 -29.50 8.10
N PRO A 199 -10.91 -30.31 7.09
CA PRO A 199 -11.34 -31.69 7.32
C PRO A 199 -10.27 -32.51 8.03
N VAL A 200 -9.11 -31.91 8.25
CA VAL A 200 -8.03 -32.58 8.97
C VAL A 200 -8.47 -32.92 10.39
N ASP A 201 -9.34 -32.08 10.94
CA ASP A 201 -9.86 -32.29 12.29
C ASP A 201 -10.76 -33.51 12.36
N MET A 202 -11.65 -33.65 11.37
CA MET A 202 -12.62 -34.73 11.37
C MET A 202 -11.99 -36.12 11.45
N TRP A 203 -10.79 -36.26 10.90
CA TRP A 203 -10.08 -37.54 11.00
C TRP A 203 -9.74 -37.85 12.45
N SER A 204 -9.32 -36.83 13.18
CA SER A 204 -9.00 -36.99 14.60
C SER A 204 -10.25 -37.31 15.40
N VAL A 205 -11.39 -36.82 14.94
CA VAL A 205 -12.67 -37.09 15.59
C VAL A 205 -13.00 -38.58 15.49
N GLY A 206 -12.65 -39.18 14.36
CA GLY A 206 -12.92 -40.60 14.13
C GLY A 206 -12.06 -41.49 15.02
N CYS A 207 -10.79 -41.14 15.14
CA CYS A 207 -9.87 -41.94 15.95
C CYS A 207 -10.27 -41.95 17.42
N ILE A 208 -10.81 -40.82 17.89
CA ILE A 208 -11.21 -40.69 19.28
C ILE A 208 -12.60 -41.28 19.53
N PHE A 209 -13.46 -41.18 18.52
CA PHE A 209 -14.79 -41.74 18.61
C PHE A 209 -14.72 -43.27 18.72
N ALA A 210 -13.71 -43.85 18.09
CA ALA A 210 -13.51 -45.29 18.13
C ALA A 210 -12.86 -45.71 19.46
N GLU A 211 -12.05 -44.82 20.02
CA GLU A 211 -11.37 -45.10 21.28
C GLU A 211 -12.35 -45.07 22.44
N MET A 212 -13.53 -44.51 22.20
CA MET A 212 -14.59 -44.48 23.21
C MET A 212 -15.23 -45.85 23.36
N PHE A 213 -15.18 -46.65 22.29
CA PHE A 213 -15.73 -48.00 22.30
C PHE A 213 -14.63 -49.04 22.40
N ARG A 214 -13.43 -48.60 22.75
CA ARG A 214 -12.28 -49.49 22.81
C ARG A 214 -11.46 -49.29 24.08
N ARG A 215 -11.32 -48.05 24.52
CA ARG A 215 -10.47 -47.72 25.64
C ARG A 215 -9.01 -48.07 25.32
N LYS A 216 -8.67 -47.96 24.04
CA LYS A 216 -7.31 -48.13 23.56
C LYS A 216 -7.20 -47.63 22.13
N PRO A 217 -6.26 -46.71 21.89
CA PRO A 217 -6.07 -46.03 20.61
C PRO A 217 -6.34 -46.93 19.41
N LEU A 218 -6.87 -46.35 18.33
CA LEU A 218 -7.18 -47.09 17.12
C LEU A 218 -5.92 -47.39 16.32
N PHE A 219 -5.19 -46.35 15.96
CA PHE A 219 -3.93 -46.51 15.23
C PHE A 219 -2.73 -46.19 16.11
N CYS A 220 -1.66 -46.94 15.94
CA CYS A 220 -0.43 -46.70 16.69
C CYS A 220 0.80 -46.92 15.82
N GLY A 221 1.38 -45.81 15.35
CA GLY A 221 2.53 -45.87 14.46
C GLY A 221 3.81 -45.39 15.08
N ASN A 222 4.91 -46.04 14.74
CA ASN A 222 6.24 -45.64 15.23
C ASN A 222 6.66 -44.30 14.64
N SER A 223 6.74 -44.25 13.31
CA SER A 223 7.07 -43.01 12.62
C SER A 223 5.91 -42.61 11.71
N GLU A 224 6.19 -41.74 10.74
CA GLU A 224 5.16 -41.28 9.81
C GLU A 224 4.74 -42.39 8.86
N ALA A 225 5.71 -43.05 8.24
CA ALA A 225 5.42 -44.12 7.31
C ALA A 225 4.64 -45.25 7.99
N ASP A 226 4.99 -45.53 9.23
CA ASP A 226 4.33 -46.59 9.98
C ASP A 226 2.88 -46.25 10.28
N GLN A 227 2.61 -44.96 10.51
CA GLN A 227 1.27 -44.50 10.83
C GLN A 227 0.31 -44.75 9.67
N LEU A 228 0.78 -44.50 8.45
CA LEU A 228 -0.02 -44.76 7.25
C LEU A 228 -0.30 -46.25 7.13
N GLY A 229 0.71 -47.07 7.40
CA GLY A 229 0.58 -48.52 7.30
C GLY A 229 -0.58 -49.05 8.13
N LYS A 230 -0.70 -48.55 9.36
CA LYS A 230 -1.77 -48.97 10.25
C LYS A 230 -3.13 -48.52 9.73
N ILE A 231 -3.14 -47.39 9.04
CA ILE A 231 -4.38 -46.80 8.54
C ILE A 231 -4.93 -47.53 7.32
N PHE A 232 -4.08 -47.77 6.34
CA PHE A 232 -4.50 -48.41 5.09
C PHE A 232 -4.96 -49.85 5.32
N ASP A 233 -4.51 -50.46 6.40
CA ASP A 233 -4.85 -51.85 6.71
C ASP A 233 -6.27 -52.01 7.23
N LEU A 234 -6.98 -50.89 7.38
CA LEU A 234 -8.35 -50.93 7.89
C LEU A 234 -9.34 -50.34 6.88
N ILE A 235 -9.07 -49.11 6.45
CA ILE A 235 -9.97 -48.42 5.52
C ILE A 235 -9.72 -48.88 4.08
N GLY A 236 -8.56 -49.47 3.83
CA GLY A 236 -8.21 -49.94 2.50
C GLY A 236 -7.46 -48.89 1.70
N LEU A 237 -6.66 -49.35 0.74
CA LEU A 237 -5.87 -48.46 -0.10
C LEU A 237 -6.77 -47.62 -1.00
N PRO A 238 -6.57 -46.29 -0.98
CA PRO A 238 -7.36 -45.35 -1.77
C PRO A 238 -7.18 -45.55 -3.28
N PRO A 239 -8.16 -45.09 -4.07
CA PRO A 239 -8.15 -45.22 -5.53
C PRO A 239 -7.14 -44.28 -6.18
N GLU A 240 -6.92 -44.46 -7.47
CA GLU A 240 -5.98 -43.63 -8.22
C GLU A 240 -6.46 -42.18 -8.28
N ASP A 241 -7.77 -42.01 -8.39
CA ASP A 241 -8.36 -40.69 -8.49
C ASP A 241 -8.43 -40.00 -7.12
N ASP A 242 -8.32 -40.81 -6.06
CA ASP A 242 -8.39 -40.29 -4.70
C ASP A 242 -7.03 -39.92 -4.14
N TRP A 243 -5.97 -40.41 -4.75
CA TRP A 243 -4.61 -40.12 -4.29
C TRP A 243 -4.12 -38.78 -4.83
N PRO A 244 -3.63 -37.92 -3.92
CA PRO A 244 -3.19 -36.56 -4.24
C PRO A 244 -1.99 -36.53 -5.18
N ARG A 245 -1.66 -35.34 -5.67
CA ARG A 245 -0.50 -35.16 -6.54
C ARG A 245 0.61 -34.38 -5.82
N ASP A 246 1.84 -34.60 -6.25
CA ASP A 246 3.00 -33.90 -5.69
C ASP A 246 3.17 -34.18 -4.21
N VAL A 247 3.49 -35.43 -3.87
CA VAL A 247 3.76 -35.82 -2.50
C VAL A 247 5.04 -36.64 -2.41
N SER A 248 5.55 -36.81 -1.20
CA SER A 248 6.79 -37.55 -0.98
C SER A 248 6.58 -39.06 -1.03
N LEU A 249 5.51 -39.52 -0.40
CA LEU A 249 5.21 -40.95 -0.36
C LEU A 249 4.20 -41.34 -1.45
N PRO A 250 4.57 -42.33 -2.29
CA PRO A 250 3.75 -42.79 -3.39
C PRO A 250 2.75 -43.85 -2.94
N ARG A 251 1.74 -44.10 -3.76
CA ARG A 251 0.72 -45.11 -3.45
C ARG A 251 1.28 -46.52 -3.61
N GLY A 252 2.28 -46.65 -4.47
CA GLY A 252 2.89 -47.96 -4.74
C GLY A 252 3.75 -48.44 -3.60
N ALA A 253 3.97 -47.59 -2.61
CA ALA A 253 4.80 -47.94 -1.45
C ALA A 253 4.02 -48.80 -0.45
N PHE A 254 2.76 -49.06 -0.77
CA PHE A 254 1.91 -49.87 0.10
C PHE A 254 1.24 -51.00 -0.68
N PRO A 255 1.03 -52.15 -0.03
CA PRO A 255 0.31 -53.27 -0.63
C PRO A 255 -1.17 -52.95 -0.73
N PRO A 256 -1.80 -53.31 -1.86
CA PRO A 256 -3.21 -53.03 -2.12
C PRO A 256 -4.11 -53.67 -1.06
N ARG A 257 -4.74 -52.84 -0.23
CA ARG A 257 -5.65 -53.33 0.80
C ARG A 257 -7.10 -52.95 0.48
N GLY A 258 -8.03 -53.81 0.89
CA GLY A 258 -9.44 -53.56 0.66
C GLY A 258 -10.16 -53.12 1.92
N PRO A 259 -11.33 -52.49 1.78
CA PRO A 259 -12.12 -52.03 2.91
C PRO A 259 -12.51 -53.16 3.85
N ARG A 260 -12.27 -52.98 5.14
CA ARG A 260 -12.59 -54.00 6.14
C ARG A 260 -13.86 -53.64 6.91
N PRO A 261 -14.51 -54.65 7.50
CA PRO A 261 -15.68 -54.44 8.35
C PRO A 261 -15.33 -53.49 9.51
N VAL A 262 -16.12 -52.44 9.67
CA VAL A 262 -15.85 -51.43 10.68
C VAL A 262 -16.17 -51.92 12.09
N GLN A 263 -17.30 -52.59 12.23
CA GLN A 263 -17.76 -53.06 13.54
C GLN A 263 -16.92 -54.23 14.05
N SER A 264 -16.15 -54.85 13.16
CA SER A 264 -15.28 -55.96 13.54
C SER A 264 -14.05 -55.43 14.30
N VAL A 265 -13.55 -54.28 13.85
CA VAL A 265 -12.41 -53.64 14.50
C VAL A 265 -12.85 -52.94 15.79
N VAL A 266 -14.04 -52.35 15.76
CA VAL A 266 -14.58 -51.66 16.93
C VAL A 266 -15.97 -52.20 17.26
N PRO A 267 -16.04 -53.17 18.19
CA PRO A 267 -17.28 -53.80 18.59
C PRO A 267 -18.22 -52.85 19.31
N GLU A 268 -19.48 -53.26 19.46
CA GLU A 268 -20.47 -52.45 20.17
C GLU A 268 -20.78 -51.15 19.44
N MET A 269 -20.82 -51.22 18.11
CA MET A 269 -21.18 -50.07 17.28
C MET A 269 -22.54 -50.29 16.64
N GLU A 270 -23.41 -49.29 16.75
CA GLU A 270 -24.78 -49.41 16.25
C GLU A 270 -24.89 -49.23 14.74
N GLU A 271 -26.10 -49.38 14.22
CA GLU A 271 -26.36 -49.25 12.79
C GLU A 271 -25.80 -47.94 12.22
N SER A 272 -26.24 -46.83 12.78
CA SER A 272 -25.82 -45.51 12.33
C SER A 272 -24.42 -45.17 12.82
N GLY A 273 -23.94 -45.93 13.79
CA GLY A 273 -22.61 -45.70 14.35
C GLY A 273 -21.51 -46.10 13.40
N ALA A 274 -21.69 -47.24 12.72
CA ALA A 274 -20.70 -47.74 11.78
C ALA A 274 -20.68 -46.90 10.50
N GLN A 275 -21.86 -46.54 10.01
CA GLN A 275 -21.99 -45.77 8.78
C GLN A 275 -21.38 -44.37 8.94
N LEU A 276 -21.31 -43.90 10.18
CA LEU A 276 -20.77 -42.57 10.46
C LEU A 276 -19.24 -42.59 10.43
N LEU A 277 -18.66 -43.64 11.00
CA LEU A 277 -17.20 -43.76 11.08
C LEU A 277 -16.57 -43.91 9.69
N LEU A 278 -17.30 -44.54 8.78
CA LEU A 278 -16.85 -44.69 7.41
C LEU A 278 -16.67 -43.32 6.75
N GLU A 279 -17.61 -42.42 7.02
CA GLU A 279 -17.55 -41.07 6.48
C GLU A 279 -16.56 -40.22 7.28
N MET A 280 -16.34 -40.63 8.52
CA MET A 280 -15.41 -39.95 9.41
C MET A 280 -13.96 -40.21 8.99
N LEU A 281 -13.64 -41.49 8.76
CA LEU A 281 -12.28 -41.88 8.44
C LEU A 281 -12.06 -42.03 6.93
N THR A 282 -12.63 -41.10 6.17
CA THR A 282 -12.44 -41.09 4.72
C THR A 282 -11.07 -40.52 4.37
N PHE A 283 -10.36 -41.17 3.46
CA PHE A 283 -9.03 -40.73 3.07
C PHE A 283 -9.06 -39.35 2.41
N ASN A 284 -9.93 -39.20 1.42
CA ASN A 284 -10.06 -37.92 0.72
C ASN A 284 -10.76 -36.87 1.56
N PRO A 285 -10.05 -35.80 1.90
CA PRO A 285 -10.58 -34.72 2.73
C PRO A 285 -11.80 -34.06 2.11
N HIS A 286 -11.88 -34.10 0.78
CA HIS A 286 -12.99 -33.50 0.06
C HIS A 286 -14.27 -34.32 0.23
N LYS A 287 -14.10 -35.63 0.37
CA LYS A 287 -15.24 -36.53 0.55
C LYS A 287 -15.53 -36.74 2.04
N ARG A 288 -14.62 -36.31 2.89
CA ARG A 288 -14.78 -36.44 4.34
C ARG A 288 -15.81 -35.42 4.83
N ILE A 289 -16.84 -35.90 5.50
CA ILE A 289 -17.93 -35.05 5.96
C ILE A 289 -17.52 -34.15 7.11
N SER A 290 -18.04 -32.92 7.11
CA SER A 290 -17.67 -31.91 8.10
C SER A 290 -18.32 -32.16 9.45
N ALA A 291 -18.03 -31.28 10.41
CA ALA A 291 -18.58 -31.40 11.75
C ALA A 291 -20.06 -31.03 11.78
N PHE A 292 -20.45 -30.15 10.86
CA PHE A 292 -21.84 -29.70 10.78
C PHE A 292 -22.74 -30.83 10.28
N ARG A 293 -22.27 -31.56 9.28
CA ARG A 293 -23.03 -32.67 8.73
C ARG A 293 -23.06 -33.86 9.68
N ALA A 294 -21.95 -34.08 10.38
CA ALA A 294 -21.85 -35.18 11.33
C ALA A 294 -22.75 -34.95 12.54
N LEU A 295 -22.96 -33.68 12.88
CA LEU A 295 -23.77 -33.31 14.04
C LEU A 295 -25.25 -33.61 13.79
N GLN A 296 -25.68 -33.48 12.54
CA GLN A 296 -27.05 -33.73 12.17
C GLN A 296 -27.22 -35.10 11.51
N HIS A 297 -26.55 -36.10 12.09
CA HIS A 297 -26.63 -37.46 11.58
C HIS A 297 -27.67 -38.26 12.35
N SER A 298 -28.10 -39.38 11.76
CA SER A 298 -29.12 -40.22 12.37
C SER A 298 -28.67 -40.76 13.73
N TYR A 299 -27.37 -40.95 13.87
CA TYR A 299 -26.81 -41.51 15.11
C TYR A 299 -26.89 -40.51 16.26
N LEU A 300 -26.75 -39.24 15.95
CA LEU A 300 -26.78 -38.19 16.96
C LEU A 300 -28.06 -37.36 16.86
N GLY B 37 8.52 30.41 -4.44
CA GLY B 37 7.91 29.48 -3.46
C GLY B 37 6.72 28.73 -4.05
N ASP B 38 5.58 28.83 -3.36
CA ASP B 38 4.36 28.18 -3.82
C ASP B 38 3.71 28.95 -4.95
N GLN B 39 3.91 30.26 -4.97
CA GLN B 39 3.32 31.11 -5.99
C GLN B 39 3.84 30.78 -7.39
N ARG B 40 5.10 30.36 -7.45
CA ARG B 40 5.72 29.99 -8.73
C ARG B 40 5.14 28.68 -9.26
N VAL B 41 4.75 27.81 -8.35
CA VAL B 41 4.22 26.49 -8.73
C VAL B 41 2.79 26.59 -9.25
N LEU B 42 1.98 27.43 -8.61
CA LEU B 42 0.60 27.62 -9.04
C LEU B 42 0.51 28.13 -10.48
N GLN B 43 1.28 29.18 -10.77
CA GLN B 43 1.27 29.77 -12.11
C GLN B 43 1.54 28.71 -13.18
N SER B 44 2.53 27.87 -12.95
CA SER B 44 2.88 26.82 -13.91
C SER B 44 1.78 25.77 -14.02
N LEU B 45 1.30 25.29 -12.89
CA LEU B 45 0.21 24.32 -12.87
C LEU B 45 -0.96 24.82 -13.70
N LEU B 46 -1.44 26.02 -13.39
CA LEU B 46 -2.53 26.63 -14.14
C LEU B 46 -2.25 26.58 -15.64
N ARG B 47 -1.06 27.04 -16.02
CA ARG B 47 -0.66 27.06 -17.42
C ARG B 47 -0.91 25.74 -18.13
N LEU B 48 -0.54 24.64 -17.48
CA LEU B 48 -0.54 23.32 -18.12
C LEU B 48 -1.94 22.74 -18.37
N GLU B 49 -2.88 23.05 -17.49
CA GLU B 49 -4.21 22.42 -17.54
C GLU B 49 -4.73 22.21 -18.95
N GLU B 50 -4.66 23.25 -19.77
CA GLU B 50 -5.22 23.21 -21.11
C GLU B 50 -4.76 21.98 -21.89
N ARG B 51 -3.54 21.54 -21.61
CA ARG B 51 -2.92 20.44 -22.35
C ARG B 51 -3.48 19.08 -21.95
N TYR B 52 -3.97 18.97 -20.71
CA TYR B 52 -4.47 17.71 -20.20
C TYR B 52 -5.96 17.78 -19.93
N VAL B 53 -6.67 18.48 -20.81
CA VAL B 53 -8.12 18.50 -20.82
C VAL B 53 -8.60 17.91 -22.13
N PRO B 54 -9.31 16.78 -22.06
CA PRO B 54 -9.80 16.10 -23.26
C PRO B 54 -10.24 17.08 -24.33
N ARG B 55 -9.81 16.85 -25.56
CA ARG B 55 -10.06 17.80 -26.66
C ARG B 55 -11.53 18.05 -26.95
N ALA B 56 -12.32 16.99 -27.02
CA ALA B 56 -13.74 17.13 -27.36
C ALA B 56 -14.62 16.06 -26.72
N SER B 57 -15.93 16.21 -26.89
CA SER B 57 -16.89 15.18 -26.48
C SER B 57 -16.88 14.08 -27.53
N TYR B 58 -16.43 12.89 -27.13
CA TYR B 58 -16.13 11.82 -28.08
C TYR B 58 -17.30 10.89 -28.38
N PHE B 59 -18.44 11.11 -27.74
CA PHE B 59 -19.59 10.22 -27.93
C PHE B 59 -20.22 10.36 -29.31
N GLN B 60 -19.51 11.02 -30.21
CA GLN B 60 -19.93 11.10 -31.61
C GLN B 60 -18.91 10.34 -32.47
N CYS B 61 -17.87 9.84 -31.81
CA CYS B 61 -16.82 9.07 -32.48
C CYS B 61 -16.98 7.60 -32.16
N VAL B 62 -17.39 7.31 -30.93
CA VAL B 62 -17.62 5.93 -30.50
C VAL B 62 -19.12 5.68 -30.47
N GLN B 63 -19.80 6.28 -31.44
CA GLN B 63 -21.26 6.28 -31.57
C GLN B 63 -21.85 4.88 -31.83
N ARG B 64 -21.02 3.97 -32.29
CA ARG B 64 -21.47 2.62 -32.62
C ARG B 64 -21.85 1.82 -31.36
N GLU B 65 -20.97 1.84 -30.36
CA GLU B 65 -21.13 0.99 -29.19
C GLU B 65 -20.90 1.70 -27.85
N ILE B 66 -20.19 2.82 -27.85
CA ILE B 66 -19.92 3.50 -26.60
C ILE B 66 -21.13 4.28 -26.15
N LYS B 67 -21.35 4.35 -24.85
CA LYS B 67 -22.38 5.25 -24.41
C LYS B 67 -22.05 5.85 -23.07
N PRO B 68 -22.49 7.09 -22.86
CA PRO B 68 -22.17 7.83 -21.65
C PRO B 68 -22.40 6.99 -20.39
N HIS B 69 -23.45 6.19 -20.38
CA HIS B 69 -23.76 5.37 -19.20
C HIS B 69 -22.69 4.29 -18.96
N MET B 70 -22.13 3.77 -20.05
CA MET B 70 -21.08 2.77 -19.95
C MET B 70 -19.78 3.39 -19.43
N ARG B 71 -19.55 4.65 -19.79
CA ARG B 71 -18.36 5.37 -19.36
C ARG B 71 -18.40 5.62 -17.86
N LYS B 72 -19.61 5.79 -17.33
CA LYS B 72 -19.79 6.00 -15.90
C LYS B 72 -19.81 4.66 -15.17
N MET B 73 -20.42 3.65 -15.79
CA MET B 73 -20.43 2.31 -15.23
C MET B 73 -19.01 1.79 -15.05
N LEU B 74 -18.13 2.15 -15.99
CA LEU B 74 -16.74 1.76 -15.92
C LEU B 74 -16.01 2.58 -14.85
N ALA B 75 -16.44 3.83 -14.68
CA ALA B 75 -15.81 4.73 -13.73
C ALA B 75 -15.94 4.22 -12.30
N TYR B 76 -17.12 3.70 -11.96
CA TYR B 76 -17.36 3.19 -10.62
C TYR B 76 -16.56 1.92 -10.35
N TRP B 77 -16.30 1.15 -11.41
CA TRP B 77 -15.48 -0.05 -11.27
C TRP B 77 -14.02 0.33 -11.01
N MET B 78 -13.57 1.40 -11.65
CA MET B 78 -12.23 1.90 -11.43
C MET B 78 -12.10 2.46 -10.02
N LEU B 79 -13.17 3.07 -9.53
CA LEU B 79 -13.19 3.62 -8.19
C LEU B 79 -13.12 2.51 -7.15
N GLU B 80 -13.87 1.44 -7.38
CA GLU B 80 -13.84 0.29 -6.49
C GLU B 80 -12.44 -0.28 -6.38
N VAL B 81 -11.80 -0.46 -7.53
CA VAL B 81 -10.47 -1.05 -7.57
C VAL B 81 -9.46 -0.22 -6.79
N CYS B 82 -9.49 1.09 -6.99
CA CYS B 82 -8.53 1.99 -6.35
C CYS B 82 -8.78 2.09 -4.84
N GLU B 83 -10.05 2.19 -4.47
CA GLU B 83 -10.41 2.23 -3.06
C GLU B 83 -10.08 0.88 -2.40
N GLU B 84 -10.13 -0.18 -3.20
CA GLU B 84 -9.85 -1.52 -2.71
C GLU B 84 -8.34 -1.67 -2.48
N GLN B 85 -7.55 -1.24 -3.46
CA GLN B 85 -6.10 -1.30 -3.37
C GLN B 85 -5.53 -0.13 -2.56
N ARG B 86 -6.42 0.72 -2.04
CA ARG B 86 -5.99 1.87 -1.27
C ARG B 86 -4.95 2.68 -2.04
N CYS B 87 -5.15 2.78 -3.35
CA CYS B 87 -4.27 3.58 -4.20
C CYS B 87 -4.24 5.02 -3.74
N GLU B 88 -3.20 5.75 -4.14
CA GLU B 88 -3.15 7.17 -3.91
C GLU B 88 -4.39 7.82 -4.51
N GLU B 89 -4.98 8.76 -3.78
CA GLU B 89 -6.23 9.39 -4.21
C GLU B 89 -6.17 9.95 -5.63
N GLU B 90 -4.96 10.19 -6.13
CA GLU B 90 -4.79 10.85 -7.42
C GLU B 90 -4.95 9.90 -8.61
N VAL B 91 -4.68 8.62 -8.38
CA VAL B 91 -4.71 7.63 -9.46
C VAL B 91 -6.02 7.60 -10.23
N PHE B 92 -7.13 7.40 -9.53
CA PHE B 92 -8.43 7.28 -10.19
C PHE B 92 -8.68 8.37 -11.23
N PRO B 93 -8.74 9.63 -10.78
CA PRO B 93 -8.99 10.76 -11.68
C PRO B 93 -7.99 10.79 -12.83
N LEU B 94 -6.75 10.44 -12.53
CA LEU B 94 -5.70 10.41 -13.54
C LEU B 94 -6.04 9.34 -14.58
N ALA B 95 -6.41 8.16 -14.11
CA ALA B 95 -6.80 7.07 -14.98
C ALA B 95 -7.95 7.49 -15.88
N MET B 96 -8.92 8.19 -15.31
CA MET B 96 -10.06 8.69 -16.08
C MET B 96 -9.61 9.73 -17.10
N ASN B 97 -8.58 10.48 -16.74
CA ASN B 97 -8.00 11.45 -17.67
C ASN B 97 -7.48 10.73 -18.90
N TYR B 98 -6.73 9.66 -18.68
CA TYR B 98 -6.22 8.85 -19.79
C TYR B 98 -7.36 8.30 -20.62
N LEU B 99 -8.37 7.76 -19.94
CA LEU B 99 -9.53 7.19 -20.62
C LEU B 99 -10.13 8.17 -21.62
N ASP B 100 -10.54 9.33 -21.12
CA ASP B 100 -11.18 10.34 -21.95
C ASP B 100 -10.31 10.76 -23.14
N ARG B 101 -9.03 11.00 -22.88
CA ARG B 101 -8.09 11.40 -23.92
C ARG B 101 -7.96 10.33 -25.00
N TYR B 102 -7.95 9.07 -24.58
CA TYR B 102 -7.84 7.95 -25.52
C TYR B 102 -9.13 7.79 -26.33
N LEU B 103 -10.26 7.97 -25.67
CA LEU B 103 -11.56 7.82 -26.33
C LEU B 103 -11.86 9.01 -27.25
N SER B 104 -11.07 10.07 -27.12
CA SER B 104 -11.28 11.28 -27.91
C SER B 104 -10.83 11.10 -29.35
N CYS B 105 -9.79 10.29 -29.56
CA CYS B 105 -9.20 10.13 -30.88
C CYS B 105 -9.23 8.68 -31.37
N VAL B 106 -9.50 7.74 -30.47
CA VAL B 106 -9.53 6.33 -30.82
C VAL B 106 -10.91 5.71 -30.57
N PRO B 107 -11.60 5.33 -31.66
CA PRO B 107 -12.90 4.66 -31.55
C PRO B 107 -12.73 3.20 -31.17
N THR B 108 -12.85 2.90 -29.88
CA THR B 108 -12.71 1.53 -29.39
C THR B 108 -14.06 0.84 -29.31
N ARG B 109 -14.04 -0.47 -29.10
CA ARG B 109 -15.26 -1.28 -29.10
C ARG B 109 -15.74 -1.63 -27.69
N LYS B 110 -17.02 -2.02 -27.60
CA LYS B 110 -17.67 -2.31 -26.33
C LYS B 110 -16.90 -3.33 -25.47
N ALA B 111 -16.54 -4.46 -26.07
CA ALA B 111 -15.90 -5.55 -25.34
C ALA B 111 -14.51 -5.19 -24.82
N GLN B 112 -13.87 -4.21 -25.45
CA GLN B 112 -12.51 -3.83 -25.09
C GLN B 112 -12.49 -2.73 -24.04
N LEU B 113 -13.66 -2.33 -23.57
CA LEU B 113 -13.79 -1.23 -22.62
C LEU B 113 -13.11 -1.55 -21.29
N GLN B 114 -13.44 -2.71 -20.73
CA GLN B 114 -12.86 -3.12 -19.45
C GLN B 114 -11.35 -3.23 -19.54
N LEU B 115 -10.87 -3.76 -20.66
CA LEU B 115 -9.44 -3.88 -20.92
C LEU B 115 -8.78 -2.50 -20.90
N LEU B 116 -9.37 -1.56 -21.63
CA LEU B 116 -8.87 -0.20 -21.69
C LEU B 116 -8.82 0.43 -20.31
N GLY B 117 -9.87 0.19 -19.52
CA GLY B 117 -9.96 0.75 -18.17
C GLY B 117 -8.81 0.31 -17.29
N ALA B 118 -8.49 -0.98 -17.32
CA ALA B 118 -7.41 -1.52 -16.51
C ALA B 118 -6.07 -0.88 -16.86
N VAL B 119 -5.81 -0.75 -18.15
CA VAL B 119 -4.55 -0.15 -18.61
C VAL B 119 -4.38 1.26 -18.06
N CYS B 120 -5.39 2.10 -18.24
CA CYS B 120 -5.36 3.45 -17.69
C CYS B 120 -5.07 3.40 -16.20
N MET B 121 -5.78 2.52 -15.50
CA MET B 121 -5.55 2.30 -14.08
C MET B 121 -4.07 2.05 -13.86
N LEU B 122 -3.57 0.99 -14.51
CA LEU B 122 -2.16 0.60 -14.42
C LEU B 122 -1.24 1.80 -14.60
N LEU B 123 -1.32 2.44 -15.77
CA LEU B 123 -0.47 3.59 -16.07
C LEU B 123 -0.55 4.65 -14.98
N ALA B 124 -1.76 5.11 -14.68
CA ALA B 124 -1.97 6.12 -13.66
C ALA B 124 -1.20 5.77 -12.39
N SER B 125 -1.35 4.52 -11.95
CA SER B 125 -0.67 4.05 -10.75
C SER B 125 0.84 4.06 -10.93
N LYS B 126 1.30 3.52 -12.05
CA LYS B 126 2.73 3.45 -12.34
C LYS B 126 3.40 4.82 -12.29
N LEU B 127 2.62 5.85 -12.54
CA LEU B 127 3.18 7.20 -12.65
C LEU B 127 3.16 7.94 -11.32
N ARG B 128 2.27 7.55 -10.42
CA ARG B 128 2.00 8.36 -9.24
C ARG B 128 2.01 7.59 -7.92
N GLU B 129 2.43 6.33 -7.95
CA GLU B 129 2.49 5.53 -6.73
C GLU B 129 3.86 4.92 -6.48
N THR B 130 4.25 4.85 -5.21
CA THR B 130 5.51 4.22 -4.83
C THR B 130 5.54 2.77 -5.27
N THR B 131 4.47 2.04 -4.94
CA THR B 131 4.32 0.66 -5.36
C THR B 131 3.07 0.50 -6.22
N PRO B 132 3.20 0.72 -7.53
CA PRO B 132 2.09 0.70 -8.48
C PRO B 132 1.43 -0.67 -8.56
N LEU B 133 0.31 -0.74 -9.26
CA LEU B 133 -0.43 -1.99 -9.42
C LEU B 133 0.24 -2.91 -10.44
N THR B 134 0.33 -4.19 -10.10
CA THR B 134 0.85 -5.18 -11.03
C THR B 134 -0.24 -5.55 -12.05
N ILE B 135 0.16 -6.12 -13.18
CA ILE B 135 -0.82 -6.49 -14.20
C ILE B 135 -1.57 -7.76 -13.80
N GLU B 136 -1.09 -8.44 -12.76
CA GLU B 136 -1.79 -9.61 -12.25
C GLU B 136 -2.90 -9.22 -11.28
N LYS B 137 -2.65 -8.20 -10.46
CA LYS B 137 -3.66 -7.72 -9.53
C LYS B 137 -4.87 -7.18 -10.29
N LEU B 138 -4.60 -6.45 -11.37
CA LEU B 138 -5.67 -5.94 -12.22
C LEU B 138 -6.29 -7.07 -13.02
N CYS B 139 -5.52 -8.14 -13.21
CA CYS B 139 -5.97 -9.27 -14.00
C CYS B 139 -7.08 -10.02 -13.26
N ILE B 140 -6.96 -10.11 -11.95
CA ILE B 140 -7.95 -10.82 -11.14
C ILE B 140 -9.20 -9.96 -10.93
N TYR B 141 -9.04 -8.64 -11.01
CA TYR B 141 -10.16 -7.74 -10.88
C TYR B 141 -11.07 -7.79 -12.09
N THR B 142 -10.49 -8.11 -13.25
CA THR B 142 -11.26 -8.24 -14.48
C THR B 142 -11.88 -9.63 -14.55
N ASP B 143 -11.88 -10.34 -13.43
CA ASP B 143 -12.41 -11.69 -13.36
C ASP B 143 -11.78 -12.56 -14.43
N HIS B 144 -10.52 -12.27 -14.74
CA HIS B 144 -9.75 -13.04 -15.72
C HIS B 144 -10.33 -12.99 -17.12
N ALA B 145 -11.15 -11.98 -17.39
CA ALA B 145 -11.66 -11.75 -18.73
C ALA B 145 -10.57 -11.08 -19.56
N VAL B 146 -9.65 -10.41 -18.87
CA VAL B 146 -8.52 -9.74 -19.50
C VAL B 146 -7.23 -10.46 -19.17
N SER B 147 -6.67 -11.16 -20.15
CA SER B 147 -5.42 -11.89 -19.94
C SER B 147 -4.24 -10.94 -19.77
N PRO B 148 -3.21 -11.38 -19.02
CA PRO B 148 -2.01 -10.58 -18.79
C PRO B 148 -1.34 -10.19 -20.10
N ARG B 149 -1.50 -11.02 -21.13
CA ARG B 149 -0.93 -10.72 -22.43
C ARG B 149 -1.55 -9.46 -23.01
N GLN B 150 -2.87 -9.38 -22.96
CA GLN B 150 -3.60 -8.22 -23.47
C GLN B 150 -3.17 -6.94 -22.77
N LEU B 151 -2.88 -7.04 -21.48
CA LEU B 151 -2.57 -5.87 -20.67
C LEU B 151 -1.22 -5.27 -21.05
N ARG B 152 -0.24 -6.13 -21.35
CA ARG B 152 1.08 -5.66 -21.75
C ARG B 152 1.02 -4.93 -23.08
N ASP B 153 0.34 -5.53 -24.04
CA ASP B 153 0.21 -4.95 -25.38
C ASP B 153 -0.53 -3.62 -25.33
N TRP B 154 -1.68 -3.61 -24.67
CA TRP B 154 -2.51 -2.41 -24.63
C TRP B 154 -1.88 -1.27 -23.85
N GLU B 155 -0.97 -1.60 -22.94
CA GLU B 155 -0.23 -0.57 -22.22
C GLU B 155 0.60 0.23 -23.21
N VAL B 156 1.23 -0.48 -24.14
CA VAL B 156 2.04 0.14 -25.17
C VAL B 156 1.14 0.87 -26.17
N LEU B 157 -0.04 0.32 -26.40
CA LEU B 157 -0.99 0.92 -27.35
C LEU B 157 -1.50 2.26 -26.84
N VAL B 158 -1.90 2.30 -25.58
CA VAL B 158 -2.43 3.52 -24.98
C VAL B 158 -1.37 4.60 -24.87
N LEU B 159 -0.16 4.20 -24.49
CA LEU B 159 0.97 5.13 -24.37
C LEU B 159 1.22 5.85 -25.70
N GLY B 160 1.27 5.08 -26.78
CA GLY B 160 1.52 5.64 -28.10
C GLY B 160 0.42 6.60 -28.53
N LYS B 161 -0.82 6.26 -28.24
CA LYS B 161 -1.95 7.09 -28.61
C LYS B 161 -2.02 8.37 -27.78
N LEU B 162 -1.45 8.31 -26.58
CA LEU B 162 -1.37 9.50 -25.73
C LEU B 162 0.02 10.11 -25.83
N LYS B 163 0.80 9.65 -26.80
CA LYS B 163 2.15 10.12 -27.01
C LYS B 163 2.98 10.15 -25.72
N TRP B 164 2.75 9.16 -24.87
CA TRP B 164 3.53 9.01 -23.64
C TRP B 164 3.45 10.26 -22.76
N ASP B 165 2.48 11.12 -23.03
CA ASP B 165 2.30 12.33 -22.23
C ASP B 165 1.31 12.04 -21.08
N LEU B 166 1.84 11.51 -19.98
CA LEU B 166 0.98 11.04 -18.89
C LEU B 166 1.11 11.86 -17.61
N ALA B 167 2.12 12.73 -17.54
CA ALA B 167 2.32 13.58 -16.38
C ALA B 167 1.28 14.70 -16.38
N ALA B 168 0.01 14.31 -16.49
CA ALA B 168 -1.07 15.27 -16.62
C ALA B 168 -1.40 15.98 -15.31
N VAL B 169 -1.92 17.19 -15.42
CA VAL B 169 -2.38 17.95 -14.27
C VAL B 169 -3.87 17.68 -14.05
N ILE B 170 -4.20 17.11 -12.90
CA ILE B 170 -5.59 16.84 -12.57
C ILE B 170 -6.04 17.64 -11.36
N ALA B 171 -7.35 17.78 -11.20
CA ALA B 171 -7.92 18.56 -10.11
C ALA B 171 -7.18 18.34 -8.80
N HIS B 172 -6.93 17.08 -8.47
CA HIS B 172 -6.33 16.73 -7.19
C HIS B 172 -5.02 17.45 -6.93
N ASP B 173 -4.30 17.78 -8.00
CA ASP B 173 -2.99 18.42 -7.90
C ASP B 173 -3.07 19.85 -7.38
N PHE B 174 -4.30 20.34 -7.15
CA PHE B 174 -4.49 21.70 -6.68
C PHE B 174 -4.81 21.78 -5.18
N LEU B 175 -5.22 20.65 -4.60
CA LEU B 175 -5.61 20.61 -3.20
C LEU B 175 -4.63 21.34 -2.28
N ALA B 176 -3.48 20.72 -2.06
CA ALA B 176 -2.49 21.24 -1.12
C ALA B 176 -2.29 22.75 -1.23
N PHE B 177 -2.14 23.23 -2.46
CA PHE B 177 -1.83 24.65 -2.69
C PHE B 177 -2.97 25.57 -2.27
N ILE B 178 -4.20 25.22 -2.66
CA ILE B 178 -5.35 26.07 -2.36
C ILE B 178 -5.84 25.90 -0.92
N LEU B 179 -5.37 24.84 -0.25
CA LEU B 179 -5.67 24.66 1.15
C LEU B 179 -4.74 25.52 2.01
N HIS B 180 -3.48 25.59 1.61
CA HIS B 180 -2.50 26.44 2.29
C HIS B 180 -2.91 27.90 2.25
N ARG B 181 -3.57 28.30 1.16
CA ARG B 181 -3.96 29.69 0.96
C ARG B 181 -5.30 29.99 1.58
N LEU B 182 -5.58 29.36 2.72
CA LEU B 182 -6.86 29.54 3.37
C LEU B 182 -6.69 30.11 4.76
N SER B 183 -7.81 30.24 5.46
CA SER B 183 -7.81 30.75 6.83
C SER B 183 -7.96 29.60 7.79
N LEU B 184 -7.49 28.43 7.36
CA LEU B 184 -7.56 27.22 8.19
C LEU B 184 -6.16 26.75 8.57
N PRO B 185 -6.05 26.17 9.77
CA PRO B 185 -4.82 25.56 10.30
C PRO B 185 -4.70 24.10 9.88
N ARG B 186 -3.48 23.63 9.73
CA ARG B 186 -3.24 22.21 9.45
C ARG B 186 -3.85 21.35 10.55
N ASP B 187 -4.20 21.99 11.65
CA ASP B 187 -4.77 21.29 12.81
C ASP B 187 -6.11 20.65 12.48
N ARG B 188 -6.79 21.17 11.46
CA ARG B 188 -8.12 20.67 11.09
C ARG B 188 -8.19 20.26 9.62
N GLN B 189 -7.08 20.38 8.90
CA GLN B 189 -7.06 20.10 7.47
C GLN B 189 -7.38 18.65 7.11
N ALA B 190 -7.21 17.75 8.08
CA ALA B 190 -7.40 16.32 7.85
C ALA B 190 -8.79 15.99 7.31
N LEU B 191 -9.83 16.40 8.03
CA LEU B 191 -11.20 16.10 7.64
C LEU B 191 -11.63 16.83 6.36
N VAL B 192 -11.29 18.12 6.26
CA VAL B 192 -11.64 18.89 5.08
C VAL B 192 -11.09 18.24 3.83
N LYS B 193 -9.81 17.89 3.87
CA LYS B 193 -9.12 17.30 2.73
C LYS B 193 -9.75 15.99 2.29
N LYS B 194 -10.13 15.15 3.26
CA LYS B 194 -10.73 13.87 2.94
C LYS B 194 -12.09 14.04 2.28
N HIS B 195 -12.93 14.87 2.90
CA HIS B 195 -14.27 15.13 2.37
C HIS B 195 -14.21 15.70 0.97
N ALA B 196 -13.22 16.57 0.72
CA ALA B 196 -13.06 17.21 -0.58
C ALA B 196 -12.77 16.17 -1.66
N GLN B 197 -12.15 15.07 -1.27
CA GLN B 197 -11.70 14.06 -2.22
C GLN B 197 -12.84 13.20 -2.77
N THR B 198 -13.95 13.11 -2.04
CA THR B 198 -15.10 12.37 -2.53
C THR B 198 -15.80 13.16 -3.62
N PHE B 199 -15.78 14.49 -3.47
CA PHE B 199 -16.29 15.36 -4.53
C PHE B 199 -15.41 15.25 -5.76
N LEU B 200 -14.10 15.17 -5.53
CA LEU B 200 -13.14 15.00 -6.62
C LEU B 200 -13.36 13.69 -7.35
N ALA B 201 -13.61 12.62 -6.59
CA ALA B 201 -13.90 11.33 -7.19
C ALA B 201 -15.24 11.39 -7.91
N LEU B 202 -16.19 12.12 -7.33
CA LEU B 202 -17.51 12.28 -7.92
C LEU B 202 -17.37 12.85 -9.32
N CYS B 203 -16.65 13.96 -9.43
CA CYS B 203 -16.44 14.62 -10.71
C CYS B 203 -15.89 13.66 -11.75
N ALA B 204 -14.90 12.86 -11.36
CA ALA B 204 -14.24 11.94 -12.28
C ALA B 204 -15.21 10.90 -12.83
N THR B 205 -16.26 10.60 -12.08
CA THR B 205 -17.23 9.59 -12.50
C THR B 205 -18.29 10.20 -13.42
N ASP B 206 -18.59 11.48 -13.19
CA ASP B 206 -19.63 12.16 -13.94
C ASP B 206 -19.07 12.86 -15.18
N TYR B 207 -19.57 12.46 -16.35
CA TYR B 207 -19.04 12.98 -17.61
C TYR B 207 -19.21 14.49 -17.77
N THR B 208 -20.15 15.06 -17.03
CA THR B 208 -20.44 16.48 -17.15
C THR B 208 -19.25 17.35 -16.74
N PHE B 209 -18.34 16.78 -15.96
CA PHE B 209 -17.17 17.52 -15.49
C PHE B 209 -15.92 17.17 -16.29
N ALA B 210 -16.05 16.23 -17.22
CA ALA B 210 -14.91 15.74 -17.99
C ALA B 210 -14.09 16.87 -18.62
N MET B 211 -14.78 17.81 -19.26
CA MET B 211 -14.12 18.87 -20.01
C MET B 211 -13.71 20.04 -19.12
N TYR B 212 -14.13 20.03 -17.87
CA TYR B 212 -13.82 21.10 -16.94
C TYR B 212 -12.33 21.19 -16.65
N PRO B 213 -11.81 22.42 -16.54
CA PRO B 213 -10.42 22.62 -16.13
C PRO B 213 -10.19 22.06 -14.73
N PRO B 214 -9.08 21.35 -14.53
CA PRO B 214 -8.77 20.74 -13.24
C PRO B 214 -8.89 21.74 -12.09
N SER B 215 -8.37 22.95 -12.30
CA SER B 215 -8.40 23.98 -11.28
C SER B 215 -9.80 24.31 -10.80
N MET B 216 -10.75 24.37 -11.74
CA MET B 216 -12.13 24.70 -11.39
C MET B 216 -12.78 23.55 -10.62
N ILE B 217 -12.51 22.32 -11.04
CA ILE B 217 -13.01 21.15 -10.35
C ILE B 217 -12.48 21.12 -8.93
N ALA B 218 -11.19 21.44 -8.78
CA ALA B 218 -10.55 21.44 -7.47
C ALA B 218 -11.12 22.54 -6.58
N THR B 219 -11.03 23.78 -7.06
CA THR B 219 -11.49 24.93 -6.29
C THR B 219 -13.00 24.86 -6.03
N GLY B 220 -13.71 24.11 -6.87
CA GLY B 220 -15.15 23.99 -6.74
C GLY B 220 -15.56 22.92 -5.74
N SER B 221 -14.91 21.76 -5.82
CA SER B 221 -15.22 20.66 -4.91
C SER B 221 -14.63 20.92 -3.52
N ILE B 222 -13.58 21.73 -3.46
CA ILE B 222 -12.97 22.08 -2.19
C ILE B 222 -13.79 23.15 -1.49
N GLY B 223 -14.61 23.86 -2.27
CA GLY B 223 -15.53 24.84 -1.71
C GLY B 223 -16.77 24.13 -1.19
N ALA B 224 -17.21 23.13 -1.93
CA ALA B 224 -18.35 22.32 -1.50
C ALA B 224 -18.04 21.62 -0.18
N ALA B 225 -16.78 21.26 0.00
CA ALA B 225 -16.34 20.56 1.21
C ALA B 225 -16.26 21.50 2.41
N VAL B 226 -15.53 22.60 2.25
CA VAL B 226 -15.35 23.56 3.33
C VAL B 226 -16.67 24.15 3.81
N GLN B 227 -17.60 24.36 2.88
CA GLN B 227 -18.89 24.93 3.22
C GLN B 227 -19.75 23.91 3.97
N GLY B 228 -19.49 22.63 3.71
CA GLY B 228 -20.21 21.55 4.39
C GLY B 228 -19.55 21.18 5.71
N LEU B 229 -18.48 21.89 6.04
CA LEU B 229 -17.74 21.63 7.28
C LEU B 229 -17.60 22.89 8.11
N GLY B 230 -18.22 23.98 7.65
CA GLY B 230 -18.16 25.25 8.36
C GLY B 230 -16.77 25.86 8.34
N MET B 234 -17.29 33.02 8.35
CA MET B 234 -17.08 32.73 6.94
C MET B 234 -18.40 32.47 6.21
N SER B 235 -18.77 33.39 5.32
CA SER B 235 -19.98 33.23 4.52
C SER B 235 -19.63 32.54 3.20
N GLY B 236 -20.66 32.28 2.39
CA GLY B 236 -20.45 31.63 1.10
C GLY B 236 -19.79 32.56 0.09
N ASP B 237 -20.27 33.79 0.04
CA ASP B 237 -19.74 34.78 -0.89
C ASP B 237 -18.28 35.10 -0.59
N GLU B 238 -17.97 35.29 0.68
CA GLU B 238 -16.61 35.60 1.09
C GLU B 238 -15.69 34.42 0.85
N LEU B 239 -16.27 33.22 0.89
CA LEU B 239 -15.50 31.99 0.71
C LEU B 239 -15.19 31.78 -0.77
N THR B 240 -16.23 31.90 -1.60
CA THR B 240 -16.08 31.70 -3.04
C THR B 240 -15.14 32.73 -3.67
N GLU B 241 -15.10 33.93 -3.10
CA GLU B 241 -14.22 34.97 -3.60
C GLU B 241 -12.77 34.74 -3.18
N LEU B 242 -12.59 34.10 -2.02
CA LEU B 242 -11.26 33.72 -1.57
C LEU B 242 -10.68 32.64 -2.46
N LEU B 243 -11.50 31.62 -2.74
CA LEU B 243 -11.08 30.51 -3.59
C LEU B 243 -10.79 30.95 -5.01
N ALA B 244 -11.69 31.76 -5.57
CA ALA B 244 -11.53 32.26 -6.93
C ALA B 244 -10.27 33.12 -7.07
N GLY B 245 -10.00 33.93 -6.06
CA GLY B 245 -8.84 34.81 -6.06
C GLY B 245 -7.53 34.03 -6.13
N ILE B 246 -7.58 32.78 -5.71
CA ILE B 246 -6.40 31.92 -5.70
C ILE B 246 -6.11 31.37 -7.10
N THR B 247 -7.07 30.66 -7.67
CA THR B 247 -6.89 30.01 -8.96
C THR B 247 -7.13 30.95 -10.14
N GLY B 248 -7.49 32.19 -9.83
CA GLY B 248 -7.71 33.19 -10.87
C GLY B 248 -9.00 32.98 -11.65
N THR B 249 -9.85 32.10 -11.14
CA THR B 249 -11.14 31.84 -11.77
C THR B 249 -12.13 32.95 -11.42
N GLU B 250 -13.26 32.98 -12.13
CA GLU B 250 -14.28 33.98 -11.86
C GLU B 250 -15.27 33.49 -10.79
N VAL B 251 -15.79 34.43 -10.02
CA VAL B 251 -16.71 34.11 -8.93
C VAL B 251 -17.98 33.46 -9.48
N ASP B 252 -18.42 33.93 -10.64
CA ASP B 252 -19.61 33.39 -11.29
C ASP B 252 -19.43 31.91 -11.58
N CYS B 253 -18.39 31.59 -12.34
CA CYS B 253 -18.09 30.20 -12.68
C CYS B 253 -18.04 29.33 -11.44
N LEU B 254 -17.19 29.72 -10.50
CA LEU B 254 -16.97 28.93 -9.28
C LEU B 254 -18.29 28.53 -8.64
N ARG B 255 -19.21 29.48 -8.51
CA ARG B 255 -20.50 29.21 -7.89
C ARG B 255 -21.32 28.18 -8.66
N ALA B 256 -21.54 28.44 -9.95
CA ALA B 256 -22.29 27.50 -10.79
C ALA B 256 -21.64 26.12 -10.74
N CYS B 257 -20.31 26.11 -10.74
CA CYS B 257 -19.55 24.86 -10.70
C CYS B 257 -19.75 24.18 -9.35
N GLN B 258 -19.50 24.92 -8.28
CA GLN B 258 -19.64 24.38 -6.94
C GLN B 258 -21.05 23.82 -6.71
N GLU B 259 -22.05 24.56 -7.18
CA GLU B 259 -23.44 24.15 -7.04
C GLU B 259 -23.76 22.90 -7.85
N GLN B 260 -23.16 22.80 -9.03
CA GLN B 260 -23.41 21.65 -9.90
C GLN B 260 -22.84 20.37 -9.31
N ILE B 261 -21.69 20.48 -8.64
CA ILE B 261 -21.07 19.34 -7.99
C ILE B 261 -21.94 18.85 -6.84
N GLU B 262 -22.40 19.79 -6.01
CA GLU B 262 -23.27 19.46 -4.90
C GLU B 262 -24.57 18.83 -5.40
N ALA B 263 -25.02 19.27 -6.57
CA ALA B 263 -26.23 18.76 -7.17
C ALA B 263 -26.00 17.36 -7.72
N ALA B 264 -24.83 17.14 -8.30
CA ALA B 264 -24.47 15.86 -8.88
C ALA B 264 -24.31 14.80 -7.79
N LEU B 265 -23.89 15.24 -6.61
CA LEU B 265 -23.69 14.33 -5.48
C LEU B 265 -25.00 13.71 -5.03
N ARG B 266 -26.01 14.57 -4.84
CA ARG B 266 -27.29 14.12 -4.31
C ARG B 266 -28.08 13.28 -5.31
N GLU B 267 -27.71 13.38 -6.59
CA GLU B 267 -28.44 12.68 -7.63
C GLU B 267 -27.63 11.51 -8.23
N SER B 268 -26.49 11.21 -7.64
CA SER B 268 -25.64 10.13 -8.13
C SER B 268 -26.22 8.76 -7.78
N ARG C 10 5.06 6.16 -40.35
CA ARG C 10 5.26 7.25 -39.35
C ARG C 10 6.17 8.34 -39.90
N TYR C 11 7.48 8.15 -39.75
CA TYR C 11 8.45 9.14 -40.21
C TYR C 11 9.38 8.56 -41.26
N GLU C 12 9.87 9.43 -42.14
CA GLU C 12 10.82 9.03 -43.16
C GLU C 12 12.22 9.47 -42.74
N PRO C 13 13.15 8.51 -42.65
CA PRO C 13 14.55 8.81 -42.36
C PRO C 13 15.34 9.02 -43.64
N VAL C 14 16.16 10.07 -43.68
CA VAL C 14 16.92 10.40 -44.88
C VAL C 14 18.43 10.46 -44.64
N ALA C 15 18.83 10.97 -43.48
CA ALA C 15 20.25 11.11 -43.16
C ALA C 15 20.50 10.67 -41.72
N GLU C 16 21.77 10.71 -41.30
CA GLU C 16 22.10 10.23 -39.96
C GLU C 16 23.00 11.15 -39.15
N ILE C 17 22.70 11.24 -37.86
CA ILE C 17 23.45 12.06 -36.93
C ILE C 17 24.49 11.22 -36.19
N GLY C 18 25.58 11.85 -35.77
CA GLY C 18 26.69 11.16 -35.12
C GLY C 18 26.31 10.31 -33.93
N VAL C 19 27.27 9.53 -33.45
CA VAL C 19 27.04 8.62 -32.34
C VAL C 19 27.72 9.13 -31.06
N GLY C 20 26.96 9.15 -29.97
CA GLY C 20 27.50 9.59 -28.68
C GLY C 20 27.31 8.52 -27.62
N ALA C 21 26.63 8.89 -26.54
CA ALA C 21 26.34 7.94 -25.47
C ALA C 21 24.87 7.54 -25.50
N TYR C 22 24.31 7.44 -26.69
CA TYR C 22 22.90 7.11 -26.85
C TYR C 22 22.61 6.31 -28.12
N GLY C 23 23.67 5.99 -28.87
CA GLY C 23 23.54 5.14 -30.05
C GLY C 23 23.29 5.88 -31.35
N THR C 24 22.75 5.16 -32.33
CA THR C 24 22.47 5.75 -33.63
C THR C 24 21.26 6.70 -33.58
N VAL C 25 21.50 7.96 -33.90
CA VAL C 25 20.44 8.95 -33.97
C VAL C 25 20.12 9.24 -35.43
N TYR C 26 18.91 8.88 -35.84
CA TYR C 26 18.50 9.06 -37.24
C TYR C 26 17.88 10.42 -37.50
N LYS C 27 18.24 11.02 -38.63
CA LYS C 27 17.64 12.27 -39.08
C LYS C 27 16.51 11.92 -40.04
N ALA C 28 15.29 12.36 -39.72
CA ALA C 28 14.13 11.98 -40.51
C ALA C 28 13.24 13.17 -40.88
N ARG C 29 12.31 12.92 -41.79
CA ARG C 29 11.37 13.94 -42.25
C ARG C 29 9.96 13.67 -41.74
N ASP C 30 9.29 14.73 -41.29
CA ASP C 30 7.88 14.64 -40.96
C ASP C 30 7.07 15.01 -42.19
N PRO C 31 6.47 14.00 -42.84
CA PRO C 31 5.76 14.20 -44.10
C PRO C 31 4.62 15.21 -43.97
N HIS C 32 4.37 15.67 -42.74
CA HIS C 32 3.32 16.64 -42.50
C HIS C 32 3.85 18.07 -42.43
N SER C 33 4.70 18.34 -41.44
CA SER C 33 5.21 19.69 -41.21
C SER C 33 6.32 20.07 -42.17
N GLY C 34 7.04 19.07 -42.66
CA GLY C 34 8.20 19.31 -43.51
C GLY C 34 9.43 19.59 -42.70
N HIS C 35 9.27 19.61 -41.37
CA HIS C 35 10.39 19.79 -40.46
C HIS C 35 11.16 18.49 -40.30
N PHE C 36 12.46 18.60 -40.02
CA PHE C 36 13.28 17.43 -39.73
C PHE C 36 13.19 17.05 -38.26
N VAL C 37 13.19 15.75 -37.99
CA VAL C 37 13.12 15.26 -36.63
C VAL C 37 14.28 14.31 -36.34
N ALA C 38 14.72 14.30 -35.08
CA ALA C 38 15.80 13.41 -34.67
C ALA C 38 15.24 12.15 -34.02
N LEU C 39 15.20 11.06 -34.79
CA LEU C 39 14.73 9.79 -34.27
C LEU C 39 15.76 9.18 -33.34
N LYS C 40 15.34 8.85 -32.12
CA LYS C 40 16.24 8.27 -31.13
C LYS C 40 15.60 7.04 -30.51
N SER C 41 16.19 5.87 -30.73
CA SER C 41 15.60 4.61 -30.30
C SER C 41 16.27 4.00 -29.08
N VAL C 42 15.47 3.35 -28.24
CA VAL C 42 15.95 2.57 -27.11
C VAL C 42 15.09 1.32 -26.98
N ARG C 43 15.70 0.20 -26.60
CA ARG C 43 14.93 -1.02 -26.39
C ARG C 43 14.54 -1.21 -24.91
N VAL C 44 13.25 -1.35 -24.63
CA VAL C 44 12.76 -1.38 -23.25
C VAL C 44 12.23 -2.75 -22.80
N PRO C 45 11.88 -2.87 -21.50
CA PRO C 45 11.29 -4.09 -20.96
C PRO C 45 9.79 -4.20 -21.29
N ASN C 46 9.39 -5.33 -21.89
CA ASN C 46 7.99 -5.52 -22.27
C ASN C 46 7.31 -6.61 -21.44
N GLY C 47 8.09 -7.55 -20.92
CA GLY C 47 7.55 -8.64 -20.11
C GLY C 47 8.41 -8.93 -18.91
N GLY C 48 7.79 -9.23 -17.77
CA GLY C 48 8.52 -9.44 -16.53
C GLY C 48 8.31 -10.81 -15.91
N GLY C 49 8.94 -11.03 -14.77
CA GLY C 49 8.85 -12.30 -14.04
C GLY C 49 7.78 -12.29 -12.98
N GLY C 50 6.95 -11.25 -13.01
CA GLY C 50 5.79 -11.13 -12.12
C GLY C 50 4.62 -10.64 -12.94
N GLY C 51 4.54 -11.11 -14.17
CA GLY C 51 3.52 -10.65 -15.11
C GLY C 51 4.06 -9.56 -15.99
N GLY C 52 3.47 -9.40 -17.18
CA GLY C 52 3.88 -8.35 -18.09
C GLY C 52 3.84 -6.98 -17.44
N GLY C 53 4.97 -6.29 -17.46
CA GLY C 53 5.05 -4.98 -16.86
C GLY C 53 5.93 -4.03 -17.65
N LEU C 54 5.76 -2.74 -17.39
CA LEU C 54 6.61 -1.73 -17.96
C LEU C 54 7.42 -1.08 -16.87
N PRO C 55 8.66 -0.69 -17.19
CA PRO C 55 9.48 -0.10 -16.17
C PRO C 55 8.95 1.27 -15.81
N ILE C 56 8.40 1.36 -14.62
CA ILE C 56 7.84 2.60 -14.11
C ILE C 56 8.78 3.77 -14.38
N SER C 57 10.06 3.56 -14.11
CA SER C 57 11.04 4.65 -14.23
C SER C 57 11.13 5.16 -15.66
N THR C 58 10.85 4.30 -16.63
CA THR C 58 10.93 4.69 -18.04
C THR C 58 9.70 5.48 -18.50
N VAL C 59 8.53 5.01 -18.09
CA VAL C 59 7.27 5.66 -18.45
C VAL C 59 7.18 7.03 -17.80
N ARG C 60 7.79 7.14 -16.61
CA ARG C 60 7.80 8.40 -15.88
C ARG C 60 8.69 9.44 -16.56
N GLU C 61 9.94 9.07 -16.82
CA GLU C 61 10.90 10.00 -17.41
C GLU C 61 10.54 10.42 -18.83
N VAL C 62 9.91 9.51 -19.58
CA VAL C 62 9.44 9.84 -20.92
C VAL C 62 8.27 10.81 -20.84
N ALA C 63 7.41 10.61 -19.84
CA ALA C 63 6.27 11.48 -19.62
C ALA C 63 6.71 12.82 -19.06
N LEU C 64 7.81 12.81 -18.33
CA LEU C 64 8.36 14.04 -17.75
C LEU C 64 8.89 14.95 -18.85
N LEU C 65 9.48 14.34 -19.87
CA LEU C 65 9.99 15.10 -21.01
C LEU C 65 8.85 15.70 -21.83
N ARG C 66 7.87 14.86 -22.18
CA ARG C 66 6.71 15.35 -22.94
C ARG C 66 6.10 16.56 -22.25
N ARG C 67 6.08 16.55 -20.92
CA ARG C 67 5.50 17.64 -20.15
C ARG C 67 6.24 18.95 -20.42
N LEU C 68 7.56 18.89 -20.48
CA LEU C 68 8.37 20.08 -20.74
C LEU C 68 8.00 20.73 -22.06
N GLU C 69 7.77 19.93 -23.09
CA GLU C 69 7.42 20.47 -24.39
C GLU C 69 6.31 21.50 -24.26
N ALA C 70 5.39 21.26 -23.32
CA ALA C 70 4.26 22.15 -23.12
C ALA C 70 4.68 23.58 -22.82
N PHE C 71 5.68 23.73 -21.95
CA PHE C 71 6.17 25.05 -21.58
C PHE C 71 6.76 25.78 -22.78
N GLU C 72 7.21 25.02 -23.77
CA GLU C 72 7.77 25.59 -24.98
C GLU C 72 8.88 26.61 -24.69
N HIS C 73 9.87 26.19 -23.90
CA HIS C 73 11.03 27.04 -23.63
C HIS C 73 11.91 27.08 -24.86
N PRO C 74 12.39 28.28 -25.23
CA PRO C 74 13.14 28.48 -26.47
C PRO C 74 14.55 27.91 -26.42
N ASN C 75 15.01 27.50 -25.25
CA ASN C 75 16.39 27.07 -25.07
C ASN C 75 16.57 25.58 -24.79
N VAL C 76 15.55 24.79 -25.08
CA VAL C 76 15.62 23.34 -24.90
C VAL C 76 14.99 22.60 -26.07
N VAL C 77 15.59 21.48 -26.45
CA VAL C 77 15.04 20.65 -27.52
C VAL C 77 13.73 20.02 -27.09
N ARG C 78 12.75 20.00 -27.99
CA ARG C 78 11.42 19.48 -27.68
C ARG C 78 11.28 18.00 -28.06
N LEU C 79 10.58 17.26 -27.21
CA LEU C 79 10.22 15.88 -27.53
C LEU C 79 8.85 15.86 -28.21
N MET C 80 8.86 15.87 -29.54
CA MET C 80 7.65 16.01 -30.32
C MET C 80 6.69 14.83 -30.18
N ASP C 81 7.21 13.62 -30.34
CA ASP C 81 6.37 12.43 -30.40
C ASP C 81 7.09 11.21 -29.81
N VAL C 82 6.34 10.14 -29.59
CA VAL C 82 6.90 8.90 -29.07
C VAL C 82 6.29 7.67 -29.75
N CYS C 83 7.14 6.84 -30.35
CA CYS C 83 6.68 5.65 -31.04
C CYS C 83 7.13 4.38 -30.32
N ALA C 84 6.32 3.34 -30.39
CA ALA C 84 6.65 2.07 -29.75
C ALA C 84 6.26 0.89 -30.64
N THR C 85 7.17 -0.07 -30.77
CA THR C 85 6.93 -1.25 -31.57
C THR C 85 7.50 -2.49 -30.88
N SER C 86 6.66 -3.51 -30.71
CA SER C 86 7.09 -4.75 -30.08
C SER C 86 7.74 -5.67 -31.10
N ARG C 87 8.98 -5.33 -31.49
CA ARG C 87 9.71 -6.13 -32.47
C ARG C 87 10.18 -7.45 -31.88
N THR C 88 10.80 -7.37 -30.70
CA THR C 88 11.24 -8.56 -29.98
C THR C 88 10.15 -9.05 -29.03
N ASP C 89 10.19 -10.34 -28.70
CA ASP C 89 9.17 -10.94 -27.86
C ASP C 89 9.45 -10.72 -26.37
N ARG C 90 10.69 -10.39 -26.04
CA ARG C 90 11.09 -10.21 -24.65
C ARG C 90 11.29 -8.75 -24.30
N GLU C 91 10.99 -7.86 -25.25
CA GLU C 91 11.17 -6.42 -25.04
C GLU C 91 10.47 -5.59 -26.10
N ILE C 92 10.62 -4.27 -26.01
CA ILE C 92 9.95 -3.36 -26.92
C ILE C 92 10.84 -2.18 -27.25
N LYS C 93 10.80 -1.74 -28.51
CA LYS C 93 11.64 -0.63 -28.95
C LYS C 93 10.89 0.70 -28.96
N VAL C 94 11.36 1.63 -28.14
CA VAL C 94 10.74 2.94 -28.01
C VAL C 94 11.52 3.99 -28.80
N THR C 95 10.84 4.64 -29.72
CA THR C 95 11.47 5.69 -30.52
C THR C 95 11.02 7.06 -30.06
N LEU C 96 11.96 7.84 -29.54
CA LEU C 96 11.66 9.21 -29.12
C LEU C 96 11.91 10.19 -30.25
N VAL C 97 10.86 10.86 -30.70
CA VAL C 97 10.96 11.79 -31.81
C VAL C 97 11.27 13.21 -31.33
N PHE C 98 12.54 13.58 -31.39
CA PHE C 98 12.98 14.88 -30.91
C PHE C 98 12.97 15.95 -31.99
N GLU C 99 12.92 17.20 -31.55
CA GLU C 99 13.06 18.34 -32.44
C GLU C 99 14.48 18.39 -32.96
N HIS C 100 14.63 18.39 -34.28
CA HIS C 100 15.96 18.31 -34.89
C HIS C 100 16.57 19.67 -35.21
N VAL C 101 17.87 19.79 -34.96
CA VAL C 101 18.64 20.96 -35.33
C VAL C 101 20.06 20.53 -35.69
N ASP C 102 20.43 20.74 -36.95
CA ASP C 102 21.72 20.27 -37.48
C ASP C 102 22.94 20.79 -36.73
N GLN C 103 23.08 22.11 -36.67
CA GLN C 103 24.28 22.72 -36.12
C GLN C 103 24.38 22.58 -34.61
N ASP C 104 25.53 22.11 -34.14
CA ASP C 104 25.82 22.06 -32.70
C ASP C 104 26.91 23.07 -32.36
N LEU C 105 27.31 23.10 -31.09
CA LEU C 105 28.24 24.12 -30.61
C LEU C 105 29.65 23.94 -31.16
N ARG C 106 30.06 22.69 -31.37
CA ARG C 106 31.38 22.41 -31.94
C ARG C 106 31.52 22.93 -33.36
N THR C 107 30.52 22.66 -34.19
CA THR C 107 30.52 23.13 -35.57
C THR C 107 30.33 24.64 -35.62
N TYR C 108 29.74 25.20 -34.58
CA TYR C 108 29.55 26.65 -34.50
C TYR C 108 30.86 27.33 -34.16
N LEU C 109 31.65 26.71 -33.30
CA LEU C 109 32.97 27.21 -32.95
C LEU C 109 33.99 26.81 -34.01
N ASP C 110 33.67 25.76 -34.74
CA ASP C 110 34.55 25.23 -35.78
C ASP C 110 34.62 26.20 -36.95
N LYS C 111 33.50 26.85 -37.22
CA LYS C 111 33.45 27.90 -38.24
C LYS C 111 33.43 29.26 -37.56
N ALA C 112 34.47 29.53 -36.77
CA ALA C 112 34.62 30.81 -36.09
C ALA C 112 35.90 31.49 -36.55
N PRO C 113 35.79 32.77 -36.94
CA PRO C 113 36.95 33.50 -37.42
C PRO C 113 38.01 33.70 -36.33
N PRO C 114 39.16 34.26 -36.71
CA PRO C 114 40.32 34.57 -35.89
C PRO C 114 39.97 35.18 -34.54
N PRO C 115 39.31 36.35 -34.54
CA PRO C 115 39.02 36.96 -33.25
C PRO C 115 37.90 36.22 -32.50
N GLY C 116 37.56 35.03 -32.96
CA GLY C 116 36.50 34.24 -32.35
C GLY C 116 35.17 34.96 -32.41
N LEU C 117 34.34 34.77 -31.38
CA LEU C 117 33.05 35.45 -31.31
C LEU C 117 33.20 36.73 -30.49
N PRO C 118 32.61 37.83 -30.99
CA PRO C 118 32.68 39.10 -30.25
C PRO C 118 32.17 38.93 -28.83
N ALA C 119 32.44 39.92 -27.98
CA ALA C 119 32.03 39.86 -26.58
C ALA C 119 30.51 39.74 -26.44
N GLU C 120 29.78 40.39 -27.34
CA GLU C 120 28.32 40.39 -27.28
C GLU C 120 27.72 39.09 -27.79
N THR C 121 28.36 38.48 -28.77
CA THR C 121 27.87 37.23 -29.35
C THR C 121 28.01 36.07 -28.36
N ILE C 122 29.18 35.96 -27.73
CA ILE C 122 29.40 34.94 -26.71
C ILE C 122 28.53 35.24 -25.50
N LYS C 123 28.35 36.52 -25.20
CA LYS C 123 27.51 36.94 -24.09
C LYS C 123 26.09 36.41 -24.28
N ASP C 124 25.54 36.64 -25.48
CA ASP C 124 24.20 36.19 -25.80
C ASP C 124 24.08 34.67 -25.74
N LEU C 125 25.07 33.98 -26.32
CA LEU C 125 25.07 32.52 -26.33
C LEU C 125 25.05 31.96 -24.91
N MET C 126 25.83 32.57 -24.03
CA MET C 126 25.89 32.14 -22.64
C MET C 126 24.60 32.46 -21.90
N ARG C 127 23.94 33.54 -22.30
CA ARG C 127 22.69 33.96 -21.66
C ARG C 127 21.59 32.94 -21.92
N GLN C 128 21.43 32.56 -23.18
CA GLN C 128 20.42 31.57 -23.57
C GLN C 128 20.79 30.19 -23.02
N PHE C 129 22.08 29.94 -22.90
CA PHE C 129 22.58 28.67 -22.38
C PHE C 129 22.19 28.49 -20.92
N LEU C 130 22.23 29.57 -20.16
CA LEU C 130 21.91 29.53 -18.74
C LEU C 130 20.40 29.67 -18.50
N ARG C 131 19.70 30.25 -19.48
CA ARG C 131 18.25 30.38 -19.39
C ARG C 131 17.58 29.02 -19.48
N GLY C 132 18.04 28.20 -20.43
CA GLY C 132 17.49 26.86 -20.60
C GLY C 132 17.89 25.93 -19.47
N LEU C 133 19.12 26.09 -18.99
CA LEU C 133 19.61 25.27 -17.89
C LEU C 133 18.81 25.53 -16.63
N ASP C 134 18.63 26.80 -16.30
CA ASP C 134 17.83 27.19 -15.13
C ASP C 134 16.42 26.63 -15.25
N PHE C 135 15.89 26.63 -16.46
CA PHE C 135 14.57 26.08 -16.73
C PHE C 135 14.55 24.59 -16.41
N LEU C 136 15.57 23.88 -16.87
CA LEU C 136 15.70 22.45 -16.59
C LEU C 136 15.74 22.17 -15.09
N HIS C 137 16.54 22.95 -14.38
CA HIS C 137 16.69 22.76 -12.94
C HIS C 137 15.41 23.12 -12.19
N ALA C 138 14.64 24.04 -12.75
CA ALA C 138 13.37 24.43 -12.16
C ALA C 138 12.37 23.28 -12.22
N ASN C 139 12.50 22.46 -13.26
CA ASN C 139 11.61 21.32 -13.45
C ASN C 139 12.21 20.01 -12.94
N CYS C 140 13.21 20.13 -12.09
CA CYS C 140 13.83 18.97 -11.45
C CYS C 140 14.49 18.04 -12.46
N ILE C 141 15.17 18.61 -13.44
CA ILE C 141 15.89 17.82 -14.42
C ILE C 141 17.36 18.22 -14.48
N VAL C 142 18.24 17.25 -14.23
CA VAL C 142 19.67 17.51 -14.23
C VAL C 142 20.35 16.88 -15.44
N HIS C 143 20.85 17.73 -16.34
CA HIS C 143 21.63 17.25 -17.47
C HIS C 143 22.97 16.76 -16.94
N ARG C 144 23.14 15.43 -16.94
CA ARG C 144 24.31 14.83 -16.30
C ARG C 144 25.60 14.93 -17.12
N ASP C 145 25.47 15.33 -18.39
CA ASP C 145 26.65 15.41 -19.25
C ASP C 145 26.48 16.46 -20.36
N LEU C 146 26.75 17.71 -20.02
CA LEU C 146 26.70 18.79 -21.00
C LEU C 146 27.97 18.82 -21.84
N LYS C 147 27.83 19.15 -23.11
CA LYS C 147 28.98 19.24 -24.01
C LYS C 147 28.57 19.78 -25.38
N PRO C 148 29.51 20.47 -26.05
CA PRO C 148 29.26 21.10 -27.35
C PRO C 148 28.59 20.15 -28.33
N GLU C 149 28.64 18.85 -28.05
CA GLU C 149 28.03 17.86 -28.94
C GLU C 149 26.51 17.85 -28.82
N ASN C 150 26.00 18.06 -27.61
CA ASN C 150 24.56 18.03 -27.38
C ASN C 150 23.97 19.40 -27.07
N ILE C 151 24.77 20.44 -27.23
CA ILE C 151 24.28 21.81 -27.11
C ILE C 151 24.07 22.38 -28.51
N LEU C 152 22.87 22.20 -29.04
CA LEU C 152 22.57 22.55 -30.42
C LEU C 152 22.26 24.02 -30.61
N VAL C 153 22.70 24.56 -31.76
CA VAL C 153 22.44 25.95 -32.11
C VAL C 153 21.78 26.03 -33.47
N THR C 154 20.57 26.59 -33.51
CA THR C 154 19.83 26.71 -34.75
C THR C 154 20.45 27.77 -35.66
N SER C 155 20.07 27.76 -36.93
CA SER C 155 20.58 28.73 -37.89
C SER C 155 20.20 30.15 -37.48
N GLY C 156 19.10 30.27 -36.74
CA GLY C 156 18.63 31.57 -36.28
C GLY C 156 19.51 32.16 -35.20
N GLY C 157 20.26 31.30 -34.53
CA GLY C 157 21.17 31.75 -33.47
C GLY C 157 20.68 31.37 -32.08
N THR C 158 19.56 30.67 -32.02
CA THR C 158 18.99 30.26 -30.74
C THR C 158 19.69 29.01 -30.21
N VAL C 159 19.95 29.00 -28.90
CA VAL C 159 20.61 27.87 -28.26
C VAL C 159 19.60 26.91 -27.65
N LYS C 160 19.62 25.67 -28.11
CA LYS C 160 18.70 24.65 -27.60
C LYS C 160 19.46 23.45 -27.03
N LEU C 161 19.24 23.17 -25.75
CA LEU C 161 19.89 22.04 -25.09
C LEU C 161 19.19 20.74 -25.46
N ALA C 162 19.94 19.66 -25.51
CA ALA C 162 19.40 18.36 -25.90
C ALA C 162 20.02 17.21 -25.10
N ASP C 163 19.46 16.01 -25.27
CA ASP C 163 19.98 14.83 -24.59
C ASP C 163 20.04 15.00 -23.07
N PHE C 164 18.96 15.50 -22.47
CA PHE C 164 19.03 15.85 -21.04
C PHE C 164 18.55 14.81 -20.00
N GLY C 165 17.25 14.64 -19.86
CA GLY C 165 16.73 13.76 -18.82
C GLY C 165 16.58 12.30 -19.23
N LEU C 166 17.64 11.71 -19.76
CA LEU C 166 17.59 10.36 -20.28
C LEU C 166 18.39 9.36 -19.44
N ALA C 167 18.34 9.54 -18.12
CA ALA C 167 19.16 8.75 -17.21
C ALA C 167 18.71 7.29 -17.09
N ARG C 168 17.46 7.08 -16.70
CA ARG C 168 16.97 5.72 -16.45
C ARG C 168 16.57 5.00 -17.71
N ILE C 169 16.55 5.72 -18.82
CA ILE C 169 16.16 5.14 -20.09
C ILE C 169 17.34 4.49 -20.79
N TYR C 170 18.55 4.96 -20.48
CA TYR C 170 19.76 4.43 -21.12
C TYR C 170 20.62 3.58 -20.19
N SER C 171 20.20 3.45 -18.94
CA SER C 171 20.93 2.65 -17.97
C SER C 171 20.94 1.19 -18.39
N TYR C 172 19.78 0.70 -18.82
CA TYR C 172 19.64 -0.66 -19.30
C TYR C 172 20.53 -0.91 -20.52
N GLN C 173 20.41 -0.05 -21.52
CA GLN C 173 21.21 -0.18 -22.73
C GLN C 173 22.71 -0.13 -22.44
N MET C 174 23.16 0.96 -21.83
CA MET C 174 24.57 1.12 -21.50
C MET C 174 25.15 -0.09 -20.77
N ALA C 175 24.41 -0.59 -19.78
CA ALA C 175 24.85 -1.77 -19.03
C ALA C 175 25.06 -2.96 -19.96
N LEU C 176 24.29 -2.98 -21.05
CA LEU C 176 24.41 -4.05 -22.05
C LEU C 176 25.66 -3.84 -22.91
N THR C 177 25.86 -2.60 -23.34
CA THR C 177 27.00 -2.27 -24.19
C THR C 177 27.97 -1.35 -23.44
N PRO C 178 29.10 -1.91 -22.97
CA PRO C 178 30.10 -1.10 -22.29
C PRO C 178 30.45 0.12 -23.13
N VAL C 179 30.17 1.31 -22.60
CA VAL C 179 30.37 2.54 -23.35
C VAL C 179 31.59 3.33 -22.86
N VAL C 180 32.15 4.14 -23.75
CA VAL C 180 33.26 5.03 -23.41
C VAL C 180 32.85 6.46 -23.73
N VAL C 181 32.97 7.36 -22.76
CA VAL C 181 32.48 8.72 -22.93
C VAL C 181 33.51 9.79 -22.59
N THR C 182 33.27 10.99 -23.10
CA THR C 182 34.10 12.16 -22.84
C THR C 182 33.92 12.65 -21.41
N LEU C 183 35.00 12.61 -20.64
CA LEU C 183 34.96 13.07 -19.25
C LEU C 183 35.69 14.40 -19.07
N TRP C 184 35.76 15.19 -20.13
CA TRP C 184 36.41 16.50 -20.07
C TRP C 184 35.53 17.51 -19.34
N TYR C 185 34.23 17.44 -19.58
CA TYR C 185 33.30 18.40 -18.99
C TYR C 185 32.66 17.88 -17.71
N ARG C 186 33.13 16.72 -17.25
CA ARG C 186 32.62 16.11 -16.03
C ARG C 186 32.93 16.96 -14.80
N ALA C 187 32.01 16.94 -13.84
CA ALA C 187 32.21 17.64 -12.58
C ALA C 187 33.06 16.79 -11.64
N PRO C 188 33.89 17.44 -10.81
CA PRO C 188 34.81 16.77 -9.91
C PRO C 188 34.11 15.74 -9.01
N GLU C 189 32.94 16.11 -8.48
CA GLU C 189 32.21 15.22 -7.58
C GLU C 189 31.79 13.93 -8.28
N VAL C 190 31.40 14.05 -9.55
CA VAL C 190 31.03 12.87 -10.33
C VAL C 190 32.25 11.98 -10.52
N LEU C 191 33.39 12.60 -10.81
CA LEU C 191 34.65 11.89 -11.05
C LEU C 191 35.16 11.18 -9.80
N LEU C 192 34.90 11.76 -8.63
CA LEU C 192 35.30 11.16 -7.36
C LEU C 192 34.10 10.47 -6.72
N GLN C 193 33.14 10.09 -7.58
CA GLN C 193 31.88 9.52 -7.13
C GLN C 193 31.39 10.12 -5.82
N SER C 194 31.25 11.44 -5.83
CA SER C 194 30.74 12.19 -4.69
C SER C 194 29.22 12.11 -4.66
N THR C 195 28.61 12.89 -3.77
CA THR C 195 27.17 12.95 -3.68
C THR C 195 26.62 13.87 -4.78
N TYR C 196 26.17 13.26 -5.87
CA TYR C 196 25.66 14.01 -7.02
C TYR C 196 24.80 15.18 -6.58
N ALA C 197 24.60 16.13 -7.50
CA ALA C 197 23.81 17.31 -7.21
C ALA C 197 23.38 18.01 -8.48
N THR C 198 22.72 19.16 -8.31
CA THR C 198 22.31 19.97 -9.45
C THR C 198 23.52 20.75 -9.97
N PRO C 199 24.32 21.29 -9.04
CA PRO C 199 25.45 22.14 -9.41
C PRO C 199 26.45 21.40 -10.30
N VAL C 200 26.21 20.12 -10.55
CA VAL C 200 27.07 19.34 -11.43
C VAL C 200 27.05 19.92 -12.83
N ASP C 201 25.92 20.50 -13.21
CA ASP C 201 25.77 21.11 -14.52
C ASP C 201 26.63 22.36 -14.68
N MET C 202 26.64 23.19 -13.64
CA MET C 202 27.35 24.47 -13.69
C MET C 202 28.84 24.30 -14.00
N TRP C 203 29.42 23.19 -13.58
CA TRP C 203 30.82 22.91 -13.88
C TRP C 203 31.02 22.75 -15.38
N SER C 204 30.07 22.06 -16.02
CA SER C 204 30.12 21.86 -17.45
C SER C 204 29.93 23.18 -18.19
N VAL C 205 29.19 24.09 -17.58
CA VAL C 205 28.96 25.41 -18.15
C VAL C 205 30.27 26.19 -18.20
N GLY C 206 31.10 26.00 -17.19
CA GLY C 206 32.39 26.68 -17.12
C GLY C 206 33.37 26.19 -18.17
N CYS C 207 33.41 24.88 -18.37
CA CYS C 207 34.33 24.28 -19.34
C CYS C 207 34.00 24.73 -20.76
N ILE C 208 32.71 24.91 -21.04
CA ILE C 208 32.26 25.30 -22.37
C ILE C 208 32.35 26.81 -22.57
N PHE C 209 32.15 27.56 -21.49
CA PHE C 209 32.26 29.00 -21.54
C PHE C 209 33.70 29.42 -21.85
N ALA C 210 34.64 28.62 -21.37
CA ALA C 210 36.06 28.88 -21.62
C ALA C 210 36.46 28.45 -23.03
N GLU C 211 35.79 27.42 -23.55
CA GLU C 211 36.08 26.91 -24.88
C GLU C 211 35.59 27.89 -25.94
N MET C 212 34.73 28.82 -25.54
CA MET C 212 34.23 29.85 -26.44
C MET C 212 35.31 30.89 -26.71
N PHE C 213 36.22 31.05 -25.76
CA PHE C 213 37.33 32.00 -25.89
C PHE C 213 38.63 31.29 -26.20
N ARG C 214 38.53 30.02 -26.60
CA ARG C 214 39.72 29.21 -26.86
C ARG C 214 39.60 28.43 -28.16
N ARG C 215 38.40 27.92 -28.44
CA ARG C 215 38.20 27.05 -29.59
C ARG C 215 39.01 25.77 -29.43
N LYS C 216 39.20 25.36 -28.17
CA LYS C 216 39.84 24.11 -27.85
C LYS C 216 39.60 23.78 -26.38
N PRO C 217 39.06 22.59 -26.10
CA PRO C 217 38.67 22.16 -24.76
C PRO C 217 39.61 22.64 -23.66
N LEU C 218 39.05 22.92 -22.48
CA LEU C 218 39.83 23.40 -21.35
C LEU C 218 40.61 22.27 -20.70
N PHE C 219 39.90 21.22 -20.27
CA PHE C 219 40.54 20.06 -19.66
C PHE C 219 40.47 18.86 -20.60
N CYS C 220 41.54 18.07 -20.62
CA CYS C 220 41.58 16.86 -21.44
C CYS C 220 42.28 15.72 -20.69
N GLY C 221 41.48 14.81 -20.14
CA GLY C 221 42.02 13.71 -19.35
C GLY C 221 41.86 12.35 -20.02
N ASN C 222 42.86 11.50 -19.85
CA ASN C 222 42.83 10.15 -20.40
C ASN C 222 41.77 9.30 -19.68
N SER C 223 41.94 9.15 -18.38
CA SER C 223 40.98 8.42 -17.56
C SER C 223 40.36 9.36 -16.51
N GLU C 224 39.78 8.78 -15.48
CA GLU C 224 39.17 9.58 -14.42
C GLU C 224 40.22 10.30 -13.57
N ALA C 225 41.22 9.55 -13.13
CA ALA C 225 42.28 10.12 -12.31
C ALA C 225 43.01 11.25 -13.05
N ASP C 226 43.20 11.06 -14.36
CA ASP C 226 43.89 12.04 -15.18
C ASP C 226 43.08 13.33 -15.30
N GLN C 227 41.76 13.18 -15.35
CA GLN C 227 40.86 14.33 -15.49
C GLN C 227 40.97 15.26 -14.30
N LEU C 228 41.05 14.69 -13.10
CA LEU C 228 41.23 15.48 -11.89
C LEU C 228 42.56 16.22 -11.92
N GLY C 229 43.60 15.52 -12.37
CA GLY C 229 44.94 16.11 -12.46
C GLY C 229 44.97 17.40 -13.24
N LYS C 230 44.29 17.40 -14.39
CA LYS C 230 44.23 18.59 -15.24
C LYS C 230 43.47 19.71 -14.56
N ILE C 231 42.49 19.35 -13.72
CA ILE C 231 41.63 20.32 -13.06
C ILE C 231 42.33 21.02 -11.90
N PHE C 232 42.96 20.24 -11.02
CA PHE C 232 43.61 20.80 -9.84
C PHE C 232 44.79 21.70 -10.20
N ASP C 233 45.35 21.51 -11.39
CA ASP C 233 46.51 22.27 -11.83
C ASP C 233 46.15 23.70 -12.25
N LEU C 234 44.86 24.02 -12.22
CA LEU C 234 44.41 25.35 -12.60
C LEU C 234 43.69 26.06 -11.45
N ILE C 235 42.67 25.41 -10.90
CA ILE C 235 41.89 26.01 -9.81
C ILE C 235 42.60 25.87 -8.48
N GLY C 236 43.54 24.93 -8.40
CA GLY C 236 44.28 24.69 -7.16
C GLY C 236 43.65 23.62 -6.30
N LEU C 237 44.46 22.97 -5.48
CA LEU C 237 43.98 21.92 -4.60
C LEU C 237 43.04 22.46 -3.53
N PRO C 238 41.85 21.87 -3.40
CA PRO C 238 40.83 22.30 -2.44
C PRO C 238 41.29 22.12 -0.99
N PRO C 239 40.69 22.87 -0.07
CA PRO C 239 41.01 22.85 1.36
C PRO C 239 40.53 21.57 2.03
N GLU C 240 40.95 21.36 3.27
CA GLU C 240 40.56 20.18 4.03
C GLU C 240 39.06 20.19 4.32
N ASP C 241 38.52 21.37 4.57
CA ASP C 241 37.09 21.51 4.86
C ASP C 241 36.25 21.41 3.59
N ASP C 242 36.88 21.60 2.44
CA ASP C 242 36.17 21.56 1.16
C ASP C 242 36.15 20.17 0.54
N TRP C 243 37.04 19.30 1.01
CA TRP C 243 37.11 17.94 0.48
C TRP C 243 36.07 17.04 1.13
N PRO C 244 35.28 16.34 0.31
CA PRO C 244 34.18 15.48 0.75
C PRO C 244 34.66 14.29 1.59
N ARG C 245 33.71 13.58 2.20
CA ARG C 245 34.02 12.40 2.98
C ARG C 245 33.53 11.13 2.28
N ASP C 246 34.17 10.01 2.57
CA ASP C 246 33.78 8.72 2.02
C ASP C 246 33.88 8.70 0.49
N VAL C 247 35.11 8.80 -0.02
CA VAL C 247 35.36 8.73 -1.44
C VAL C 247 36.51 7.77 -1.74
N SER C 248 36.65 7.39 -3.01
CA SER C 248 37.69 6.45 -3.41
C SER C 248 39.06 7.12 -3.53
N LEU C 249 39.08 8.30 -4.12
CA LEU C 249 40.33 9.05 -4.31
C LEU C 249 40.55 10.07 -3.20
N PRO C 250 41.70 9.99 -2.53
CA PRO C 250 42.05 10.88 -1.43
C PRO C 250 42.69 12.18 -1.92
N ARG C 251 42.71 13.19 -1.05
CA ARG C 251 43.30 14.47 -1.40
C ARG C 251 44.83 14.38 -1.47
N GLY C 252 45.39 13.43 -0.72
CA GLY C 252 46.83 13.26 -0.66
C GLY C 252 47.41 12.64 -1.92
N ALA C 253 46.52 12.19 -2.81
CA ALA C 253 46.94 11.57 -4.06
C ALA C 253 47.36 12.61 -5.10
N PHE C 254 47.27 13.89 -4.71
CA PHE C 254 47.65 14.98 -5.60
C PHE C 254 48.62 15.94 -4.91
N PRO C 255 49.55 16.52 -5.69
CA PRO C 255 50.47 17.53 -5.17
C PRO C 255 49.74 18.84 -4.91
N PRO C 256 50.05 19.49 -3.79
CA PRO C 256 49.39 20.74 -3.39
C PRO C 256 49.55 21.84 -4.44
N ARG C 257 48.47 22.21 -5.11
CA ARG C 257 48.50 23.26 -6.10
C ARG C 257 47.75 24.51 -5.62
N GLY C 258 48.21 25.68 -6.06
CA GLY C 258 47.58 26.93 -5.70
C GLY C 258 46.77 27.51 -6.83
N PRO C 259 45.85 28.43 -6.51
CA PRO C 259 44.99 29.08 -7.50
C PRO C 259 45.83 29.84 -8.55
N ARG C 260 45.54 29.61 -9.82
CA ARG C 260 46.25 30.27 -10.91
C ARG C 260 45.41 31.39 -11.53
N PRO C 261 46.08 32.35 -12.17
CA PRO C 261 45.41 33.42 -12.89
C PRO C 261 44.46 32.85 -13.95
N VAL C 262 43.20 33.27 -13.91
CA VAL C 262 42.19 32.73 -14.82
C VAL C 262 42.35 33.25 -16.24
N GLN C 263 42.62 34.54 -16.37
CA GLN C 263 42.74 35.17 -17.69
C GLN C 263 44.03 34.76 -18.41
N SER C 264 44.97 34.19 -17.67
CA SER C 264 46.21 33.72 -18.24
C SER C 264 45.98 32.42 -19.03
N VAL C 265 45.12 31.57 -18.49
CA VAL C 265 44.78 30.31 -19.14
C VAL C 265 43.81 30.57 -20.30
N VAL C 266 42.88 31.50 -20.10
CA VAL C 266 41.91 31.84 -21.12
C VAL C 266 41.93 33.34 -21.41
N PRO C 267 42.69 33.74 -22.43
CA PRO C 267 42.87 35.15 -22.81
C PRO C 267 41.57 35.77 -23.34
N GLU C 268 41.55 37.09 -23.42
CA GLU C 268 40.39 37.81 -23.94
C GLU C 268 39.17 37.67 -23.03
N MET C 269 39.41 37.67 -21.73
CA MET C 269 38.34 37.62 -20.74
C MET C 269 38.23 38.97 -20.02
N GLU C 270 37.00 39.48 -19.93
CA GLU C 270 36.76 40.80 -19.34
C GLU C 270 36.78 40.78 -17.82
N GLU C 271 36.62 41.96 -17.22
CA GLU C 271 36.63 42.11 -15.76
C GLU C 271 35.65 41.15 -15.09
N SER C 272 34.38 41.24 -15.47
CA SER C 272 33.34 40.40 -14.88
C SER C 272 33.37 38.99 -15.45
N GLY C 273 34.10 38.81 -16.55
CA GLY C 273 34.21 37.50 -17.19
C GLY C 273 35.06 36.54 -16.38
N ALA C 274 36.17 37.04 -15.84
CA ALA C 274 37.07 36.21 -15.04
C ALA C 274 36.48 35.89 -13.68
N GLN C 275 35.86 36.88 -13.05
CA GLN C 275 35.26 36.70 -11.73
C GLN C 275 34.11 35.71 -11.76
N LEU C 276 33.50 35.54 -12.94
CA LEU C 276 32.38 34.61 -13.10
C LEU C 276 32.86 33.17 -13.20
N LEU C 277 33.96 32.96 -13.93
CA LEU C 277 34.49 31.63 -14.15
C LEU C 277 35.03 31.03 -12.85
N LEU C 278 35.53 31.88 -11.97
CA LEU C 278 36.01 31.44 -10.66
C LEU C 278 34.87 30.82 -9.86
N GLU C 279 33.69 31.44 -9.93
CA GLU C 279 32.52 30.94 -9.24
C GLU C 279 31.91 29.76 -10.00
N MET C 280 32.18 29.73 -11.30
CA MET C 280 31.70 28.66 -12.17
C MET C 280 32.45 27.36 -11.91
N LEU C 281 33.77 27.45 -11.86
CA LEU C 281 34.61 26.26 -11.70
C LEU C 281 35.02 26.04 -10.25
N THR C 282 34.10 26.26 -9.32
CA THR C 282 34.35 26.02 -7.91
C THR C 282 34.28 24.53 -7.61
N PHE C 283 35.24 24.04 -6.85
CA PHE C 283 35.28 22.61 -6.53
C PHE C 283 34.08 22.18 -5.69
N ASN C 284 33.80 22.92 -4.63
CA ASN C 284 32.67 22.61 -3.76
C ASN C 284 31.34 22.99 -4.42
N PRO C 285 30.49 21.98 -4.66
CA PRO C 285 29.20 22.18 -5.31
C PRO C 285 28.29 23.11 -4.52
N HIS C 286 28.50 23.14 -3.20
CA HIS C 286 27.70 23.99 -2.32
C HIS C 286 28.06 25.46 -2.50
N LYS C 287 29.32 25.72 -2.80
CA LYS C 287 29.79 27.09 -3.01
C LYS C 287 29.69 27.50 -4.47
N ARG C 288 29.45 26.51 -5.33
CA ARG C 288 29.31 26.77 -6.77
C ARG C 288 27.96 27.45 -7.05
N ILE C 289 28.01 28.61 -7.69
CA ILE C 289 26.80 29.39 -7.94
C ILE C 289 25.91 28.77 -9.01
N SER C 290 24.60 28.87 -8.81
CA SER C 290 23.62 28.24 -9.69
C SER C 290 23.47 29.00 -11.02
N ALA C 291 22.59 28.48 -11.87
CA ALA C 291 22.35 29.10 -13.17
C ALA C 291 21.54 30.38 -13.03
N PHE C 292 20.72 30.44 -11.99
CA PHE C 292 19.89 31.61 -11.73
C PHE C 292 20.74 32.80 -11.31
N ARG C 293 21.73 32.55 -10.44
CA ARG C 293 22.62 33.59 -9.97
C ARG C 293 23.59 34.03 -11.06
N ALA C 294 24.04 33.07 -11.87
CA ALA C 294 24.97 33.37 -12.96
C ALA C 294 24.31 34.19 -14.05
N LEU C 295 22.99 34.01 -14.21
CA LEU C 295 22.24 34.70 -15.24
C LEU C 295 22.10 36.19 -14.92
N GLN C 296 22.02 36.50 -13.63
CA GLN C 296 21.89 37.88 -13.19
C GLN C 296 23.23 38.44 -12.69
N HIS C 297 24.29 38.14 -13.43
CA HIS C 297 25.62 38.61 -13.09
C HIS C 297 25.95 39.88 -13.86
N SER C 298 26.95 40.62 -13.39
CA SER C 298 27.34 41.88 -14.02
C SER C 298 27.79 41.67 -15.46
N TYR C 299 28.36 40.50 -15.74
CA TYR C 299 28.87 40.19 -17.07
C TYR C 299 27.75 40.01 -18.07
N LEU C 300 26.63 39.46 -17.62
CA LEU C 300 25.49 39.21 -18.50
C LEU C 300 24.34 40.15 -18.18
N GLY D 37 -25.15 -17.86 5.87
CA GLY D 37 -24.55 -16.87 4.94
C GLY D 37 -24.17 -15.57 5.64
N ASP D 38 -24.67 -14.46 5.12
CA ASP D 38 -24.40 -13.15 5.71
C ASP D 38 -25.23 -12.91 6.97
N GLN D 39 -26.40 -13.54 7.03
CA GLN D 39 -27.29 -13.37 8.18
C GLN D 39 -26.67 -13.91 9.46
N ARG D 40 -25.87 -14.96 9.34
CA ARG D 40 -25.21 -15.57 10.49
C ARG D 40 -24.10 -14.67 11.01
N VAL D 41 -23.48 -13.91 10.12
CA VAL D 41 -22.37 -13.03 10.48
C VAL D 41 -22.86 -11.78 11.21
N LEU D 42 -23.96 -11.22 10.74
CA LEU D 42 -24.54 -10.03 11.37
C LEU D 42 -24.92 -10.27 12.82
N GLN D 43 -25.64 -11.37 13.07
CA GLN D 43 -26.06 -11.70 14.42
C GLN D 43 -24.87 -11.72 15.39
N SER D 44 -23.78 -12.35 14.97
CA SER D 44 -22.60 -12.46 15.81
C SER D 44 -21.92 -11.10 16.02
N LEU D 45 -21.75 -10.36 14.93
CA LEU D 45 -21.17 -9.02 15.01
C LEU D 45 -21.92 -8.18 16.03
N LEU D 46 -23.24 -8.09 15.85
CA LEU D 46 -24.09 -7.34 16.78
C LEU D 46 -23.81 -7.75 18.22
N ARG D 47 -23.83 -9.06 18.46
CA ARG D 47 -23.58 -9.61 19.79
C ARG D 47 -22.33 -9.02 20.46
N LEU D 48 -21.25 -8.93 19.69
CA LEU D 48 -19.94 -8.57 20.24
C LEU D 48 -19.80 -7.11 20.64
N GLU D 49 -20.47 -6.22 19.93
CA GLU D 49 -20.29 -4.78 20.12
C GLU D 49 -20.12 -4.37 21.58
N GLU D 50 -20.99 -4.88 22.44
CA GLU D 50 -21.00 -4.48 23.83
C GLU D 50 -19.61 -4.61 24.47
N ARG D 51 -18.84 -5.57 24.00
CA ARG D 51 -17.54 -5.88 24.58
C ARG D 51 -16.47 -4.87 24.19
N TYR D 52 -16.64 -4.25 23.03
CA TYR D 52 -15.66 -3.31 22.52
C TYR D 52 -16.22 -1.90 22.46
N VAL D 53 -17.02 -1.56 23.46
CA VAL D 53 -17.50 -0.20 23.67
C VAL D 53 -16.95 0.29 25.01
N PRO D 54 -16.12 1.34 24.97
CA PRO D 54 -15.50 1.87 26.17
C PRO D 54 -16.47 1.84 27.35
N ARG D 55 -15.99 1.38 28.51
CA ARG D 55 -16.85 1.19 29.68
C ARG D 55 -17.52 2.46 30.19
N ALA D 56 -16.76 3.55 30.30
CA ALA D 56 -17.31 4.78 30.84
C ALA D 56 -16.64 6.03 30.28
N SER D 57 -17.18 7.19 30.63
CA SER D 57 -16.55 8.46 30.30
C SER D 57 -15.40 8.70 31.27
N TYR D 58 -14.18 8.71 30.75
CA TYR D 58 -12.98 8.67 31.58
C TYR D 58 -12.43 10.04 31.98
N PHE D 59 -13.07 11.10 31.51
CA PHE D 59 -12.57 12.45 31.81
C PHE D 59 -12.76 12.85 33.27
N GLN D 60 -13.06 11.86 34.11
CA GLN D 60 -13.13 12.07 35.54
C GLN D 60 -12.02 11.27 36.21
N CYS D 61 -11.28 10.53 35.39
CA CYS D 61 -10.16 9.72 35.86
C CYS D 61 -8.84 10.37 35.48
N VAL D 62 -8.82 11.01 34.32
CA VAL D 62 -7.64 11.70 33.83
C VAL D 62 -7.87 13.21 33.99
N GLN D 63 -8.56 13.54 35.09
CA GLN D 63 -8.99 14.89 35.41
C GLN D 63 -7.84 15.86 35.67
N ARG D 64 -6.66 15.33 35.96
CA ARG D 64 -5.50 16.16 36.27
C ARG D 64 -4.99 16.91 35.03
N GLU D 65 -4.83 16.19 33.92
CA GLU D 65 -4.21 16.75 32.73
C GLU D 65 -4.92 16.45 31.42
N ILE D 66 -5.77 15.43 31.39
CA ILE D 66 -6.46 15.08 30.16
C ILE D 66 -7.61 16.03 29.93
N LYS D 67 -7.88 16.35 28.68
CA LYS D 67 -9.10 17.07 28.43
C LYS D 67 -9.69 16.73 27.09
N PRO D 68 -11.02 16.76 27.01
CA PRO D 68 -11.74 16.36 25.82
C PRO D 68 -11.14 16.98 24.56
N HIS D 69 -10.71 18.24 24.64
CA HIS D 69 -10.16 18.92 23.47
C HIS D 69 -8.83 18.29 23.03
N MET D 70 -8.06 17.81 24.00
CA MET D 70 -6.79 17.16 23.70
C MET D 70 -7.01 15.80 23.04
N ARG D 71 -8.10 15.14 23.44
CA ARG D 71 -8.45 13.83 22.90
C ARG D 71 -8.84 13.96 21.43
N LYS D 72 -9.44 15.09 21.08
CA LYS D 72 -9.83 15.36 19.71
C LYS D 72 -8.65 15.88 18.90
N MET D 73 -7.83 16.72 19.54
CA MET D 73 -6.62 17.23 18.91
C MET D 73 -5.70 16.08 18.51
N LEU D 74 -5.67 15.04 19.34
CA LEU D 74 -4.87 13.86 19.06
C LEU D 74 -5.52 13.04 17.94
N ALA D 75 -6.85 13.06 17.92
CA ALA D 75 -7.60 12.28 16.93
C ALA D 75 -7.30 12.72 15.51
N TYR D 76 -7.22 14.03 15.31
CA TYR D 76 -6.95 14.58 13.98
C TYR D 76 -5.52 14.27 13.53
N TRP D 77 -4.61 14.15 14.49
CA TRP D 77 -3.24 13.79 14.17
C TRP D 77 -3.15 12.33 13.75
N MET D 78 -3.97 11.49 14.37
CA MET D 78 -4.03 10.08 14.01
C MET D 78 -4.66 9.94 12.61
N LEU D 79 -5.63 10.80 12.33
CA LEU D 79 -6.29 10.79 11.03
C LEU D 79 -5.32 11.20 9.92
N GLU D 80 -4.52 12.23 10.19
CA GLU D 80 -3.52 12.67 9.24
C GLU D 80 -2.55 11.55 8.91
N VAL D 81 -2.06 10.88 9.94
CA VAL D 81 -1.08 9.81 9.77
C VAL D 81 -1.63 8.68 8.90
N CYS D 82 -2.86 8.27 9.19
CA CYS D 82 -3.46 7.16 8.47
C CYS D 82 -3.79 7.53 7.02
N GLU D 83 -4.32 8.73 6.83
CA GLU D 83 -4.61 9.21 5.48
C GLU D 83 -3.30 9.42 4.71
N GLU D 84 -2.25 9.72 5.45
CA GLU D 84 -0.93 9.93 4.85
C GLU D 84 -0.34 8.59 4.41
N GLN D 85 -0.40 7.61 5.30
CA GLN D 85 0.09 6.26 5.00
C GLN D 85 -0.91 5.45 4.19
N ARG D 86 -2.03 6.07 3.84
CA ARG D 86 -3.07 5.37 3.09
C ARG D 86 -3.42 4.05 3.76
N CYS D 87 -3.45 4.06 5.08
CA CYS D 87 -3.84 2.87 5.85
C CYS D 87 -5.25 2.43 5.48
N GLU D 88 -5.56 1.18 5.78
CA GLU D 88 -6.92 0.69 5.61
C GLU D 88 -7.86 1.58 6.42
N GLU D 89 -9.01 1.91 5.84
CA GLU D 89 -9.95 2.83 6.47
C GLU D 89 -10.31 2.44 7.90
N GLU D 90 -10.11 1.17 8.24
CA GLU D 90 -10.55 0.65 9.52
C GLU D 90 -9.59 0.97 10.67
N VAL D 91 -8.31 1.16 10.33
CA VAL D 91 -7.29 1.39 11.34
C VAL D 91 -7.60 2.55 12.29
N PHE D 92 -7.81 3.73 11.74
CA PHE D 92 -8.05 4.92 12.56
C PHE D 92 -9.05 4.68 13.69
N PRO D 93 -10.31 4.38 13.32
CA PRO D 93 -11.36 4.15 14.31
C PRO D 93 -10.95 3.07 15.31
N LEU D 94 -10.28 2.04 14.82
CA LEU D 94 -9.82 0.96 15.68
C LEU D 94 -8.81 1.50 16.68
N ALA D 95 -7.87 2.30 16.20
CA ALA D 95 -6.86 2.92 17.07
C ALA D 95 -7.53 3.76 18.14
N MET D 96 -8.56 4.51 17.74
CA MET D 96 -9.31 5.34 18.68
C MET D 96 -10.05 4.46 19.69
N ASN D 97 -10.48 3.28 19.24
CA ASN D 97 -11.11 2.32 20.13
C ASN D 97 -10.14 1.92 21.25
N TYR D 98 -8.92 1.60 20.87
CA TYR D 98 -7.88 1.25 21.83
C TYR D 98 -7.63 2.41 22.78
N LEU D 99 -7.50 3.60 22.22
CA LEU D 99 -7.27 4.81 23.02
C LEU D 99 -8.28 4.93 24.15
N ASP D 100 -9.56 5.00 23.78
CA ASP D 100 -10.63 5.18 24.75
C ASP D 100 -10.63 4.10 25.82
N ARG D 101 -10.49 2.85 25.40
CA ARG D 101 -10.48 1.72 26.33
C ARG D 101 -9.31 1.82 27.31
N TYR D 102 -8.16 2.28 26.82
CA TYR D 102 -6.99 2.42 27.67
C TYR D 102 -7.16 3.58 28.64
N LEU D 103 -7.73 4.68 28.17
CA LEU D 103 -7.94 5.87 28.99
C LEU D 103 -9.05 5.66 30.01
N SER D 104 -9.83 4.60 29.83
CA SER D 104 -10.96 4.31 30.71
C SER D 104 -10.50 3.78 32.06
N CYS D 105 -9.39 3.05 32.07
CA CYS D 105 -8.93 2.40 33.30
C CYS D 105 -7.52 2.84 33.70
N VAL D 106 -6.82 3.51 32.79
CA VAL D 106 -5.45 3.94 33.06
C VAL D 106 -5.32 5.45 32.97
N PRO D 107 -5.06 6.12 34.11
CA PRO D 107 -4.86 7.56 34.15
C PRO D 107 -3.46 7.93 33.66
N THR D 108 -3.34 8.27 32.38
CA THR D 108 -2.06 8.64 31.80
C THR D 108 -1.84 10.14 31.87
N ARG D 109 -0.61 10.57 31.58
CA ARG D 109 -0.23 11.98 31.70
C ARG D 109 -0.19 12.71 30.36
N LYS D 110 -0.22 14.03 30.42
CA LYS D 110 -0.28 14.89 29.24
C LYS D 110 0.83 14.59 28.23
N ALA D 111 2.08 14.55 28.71
CA ALA D 111 3.23 14.39 27.82
C ALA D 111 3.28 13.02 27.15
N GLN D 112 2.61 12.04 27.73
CA GLN D 112 2.64 10.67 27.20
C GLN D 112 1.50 10.41 26.23
N LEU D 113 0.71 11.44 25.95
CA LEU D 113 -0.46 11.30 25.10
C LEU D 113 -0.09 10.93 23.67
N GLN D 114 0.86 11.67 23.09
CA GLN D 114 1.30 11.41 21.72
C GLN D 114 1.90 10.01 21.61
N LEU D 115 2.65 9.60 22.62
CA LEU D 115 3.24 8.27 22.66
C LEU D 115 2.14 7.21 22.63
N LEU D 116 1.14 7.38 23.49
CA LEU D 116 0.02 6.46 23.56
C LEU D 116 -0.70 6.37 22.22
N GLY D 117 -0.88 7.51 21.57
CA GLY D 117 -1.56 7.57 20.28
C GLY D 117 -0.88 6.73 19.23
N ALA D 118 0.44 6.84 19.15
CA ALA D 118 1.21 6.09 18.16
C ALA D 118 1.06 4.59 18.36
N VAL D 119 1.14 4.15 19.60
CA VAL D 119 1.01 2.73 19.93
C VAL D 119 -0.32 2.17 19.43
N CYS D 120 -1.40 2.84 19.79
CA CYS D 120 -2.73 2.43 19.34
C CYS D 120 -2.74 2.34 17.82
N MET D 121 -2.21 3.38 17.17
CA MET D 121 -2.06 3.39 15.73
C MET D 121 -1.38 2.10 15.29
N LEU D 122 -0.16 1.90 15.79
CA LEU D 122 0.64 0.71 15.49
C LEU D 122 -0.19 -0.56 15.61
N LEU D 123 -0.71 -0.81 16.81
CA LEU D 123 -1.49 -2.02 17.06
C LEU D 123 -2.63 -2.18 16.07
N ALA D 124 -3.47 -1.16 15.97
CA ALA D 124 -4.59 -1.18 15.04
C ALA D 124 -4.13 -1.64 13.65
N SER D 125 -3.05 -1.04 13.16
CA SER D 125 -2.50 -1.38 11.86
C SER D 125 -2.03 -2.83 11.83
N LYS D 126 -1.26 -3.22 12.85
CA LYS D 126 -0.72 -4.57 12.92
C LYS D 126 -1.81 -5.64 12.85
N LEU D 127 -3.01 -5.27 13.27
CA LEU D 127 -4.09 -6.24 13.38
C LEU D 127 -4.93 -6.32 12.11
N ARG D 128 -4.93 -5.24 11.33
CA ARG D 128 -5.90 -5.13 10.24
C ARG D 128 -5.30 -4.73 8.89
N GLU D 129 -3.97 -4.73 8.79
CA GLU D 129 -3.31 -4.39 7.52
C GLU D 129 -2.33 -5.46 7.06
N THR D 130 -2.27 -5.66 5.75
CA THR D 130 -1.33 -6.60 5.15
C THR D 130 0.10 -6.19 5.51
N THR D 131 0.42 -4.93 5.29
CA THR D 131 1.73 -4.38 5.64
C THR D 131 1.56 -3.25 6.65
N PRO D 132 1.53 -3.60 7.94
CA PRO D 132 1.30 -2.65 9.04
C PRO D 132 2.40 -1.59 9.12
N LEU D 133 2.18 -0.59 9.97
CA LEU D 133 3.14 0.49 10.15
C LEU D 133 4.31 0.05 11.01
N THR D 134 5.52 0.40 10.60
CA THR D 134 6.71 0.12 11.39
C THR D 134 6.82 1.16 12.52
N ILE D 135 7.59 0.86 13.54
CA ILE D 135 7.74 1.77 14.67
C ILE D 135 8.66 2.94 14.31
N GLU D 136 9.35 2.82 13.18
CA GLU D 136 10.19 3.91 12.69
C GLU D 136 9.38 4.94 11.92
N LYS D 137 8.42 4.47 11.13
CA LYS D 137 7.54 5.37 10.38
C LYS D 137 6.73 6.24 11.33
N LEU D 138 6.24 5.63 12.39
CA LEU D 138 5.50 6.37 13.41
C LEU D 138 6.45 7.23 14.23
N CYS D 139 7.72 6.83 14.26
CA CYS D 139 8.73 7.54 15.03
C CYS D 139 9.02 8.91 14.41
N ILE D 140 9.01 8.96 13.09
CA ILE D 140 9.29 10.21 12.38
C ILE D 140 8.06 11.13 12.39
N TYR D 141 6.88 10.55 12.54
CA TYR D 141 5.66 11.33 12.60
C TYR D 141 5.54 12.06 13.94
N THR D 142 6.14 11.49 14.97
CA THR D 142 6.14 12.13 16.29
C THR D 142 7.27 13.14 16.37
N ASP D 143 7.83 13.49 15.22
CA ASP D 143 8.93 14.44 15.14
C ASP D 143 10.06 14.00 16.06
N HIS D 144 10.21 12.69 16.22
CA HIS D 144 11.27 12.11 17.02
C HIS D 144 11.18 12.48 18.50
N ALA D 145 10.00 12.89 18.93
CA ALA D 145 9.76 13.15 20.35
C ALA D 145 9.55 11.82 21.06
N VAL D 146 9.13 10.82 20.29
CA VAL D 146 8.92 9.47 20.80
C VAL D 146 9.97 8.51 20.24
N SER D 147 10.90 8.10 21.10
CA SER D 147 11.97 7.20 20.67
C SER D 147 11.42 5.80 20.40
N PRO D 148 12.08 5.06 19.49
CA PRO D 148 11.68 3.70 19.14
C PRO D 148 11.65 2.80 20.36
N ARG D 149 12.49 3.10 21.35
CA ARG D 149 12.52 2.32 22.59
C ARG D 149 11.18 2.43 23.32
N GLN D 150 10.69 3.66 23.45
CA GLN D 150 9.42 3.90 24.12
C GLN D 150 8.27 3.16 23.45
N LEU D 151 8.33 3.07 22.13
CA LEU D 151 7.25 2.49 21.35
C LEU D 151 7.14 0.99 21.57
N ARG D 152 8.28 0.31 21.68
CA ARG D 152 8.31 -1.12 21.92
C ARG D 152 7.73 -1.46 23.29
N ASP D 153 8.19 -0.74 24.31
CA ASP D 153 7.72 -0.95 25.67
C ASP D 153 6.22 -0.68 25.82
N TRP D 154 5.78 0.47 25.32
CA TRP D 154 4.39 0.87 25.46
C TRP D 154 3.42 0.00 24.67
N GLU D 155 3.93 -0.65 23.63
CA GLU D 155 3.12 -1.59 22.87
C GLU D 155 2.73 -2.76 23.77
N VAL D 156 3.69 -3.22 24.57
CA VAL D 156 3.45 -4.29 25.52
C VAL D 156 2.59 -3.80 26.67
N LEU D 157 2.75 -2.53 27.03
CA LEU D 157 2.00 -1.94 28.13
C LEU D 157 0.51 -1.84 27.78
N VAL D 158 0.23 -1.33 26.59
CA VAL D 158 -1.15 -1.16 26.15
C VAL D 158 -1.85 -2.51 25.95
N LEU D 159 -1.12 -3.47 25.38
CA LEU D 159 -1.66 -4.81 25.17
C LEU D 159 -2.13 -5.43 26.48
N GLY D 160 -1.28 -5.35 27.50
CA GLY D 160 -1.60 -5.91 28.81
C GLY D 160 -2.81 -5.25 29.43
N LYS D 161 -2.90 -3.93 29.29
CA LYS D 161 -4.01 -3.18 29.87
C LYS D 161 -5.31 -3.44 29.14
N LEU D 162 -5.22 -3.81 27.87
CA LEU D 162 -6.39 -4.18 27.08
C LEU D 162 -6.52 -5.70 27.02
N LYS D 163 -5.73 -6.38 27.84
CA LYS D 163 -5.74 -7.84 27.90
C LYS D 163 -5.64 -8.47 26.51
N TRP D 164 -4.85 -7.85 25.64
CA TRP D 164 -4.60 -8.39 24.31
C TRP D 164 -5.88 -8.62 23.51
N ASP D 165 -6.98 -8.02 23.97
CA ASP D 165 -8.26 -8.15 23.27
C ASP D 165 -8.40 -7.01 22.27
N LEU D 166 -7.85 -7.19 21.07
CA LEU D 166 -7.79 -6.12 20.07
C LEU D 166 -8.65 -6.37 18.84
N ALA D 167 -9.15 -7.59 18.68
CA ALA D 167 -10.01 -7.92 17.56
C ALA D 167 -11.40 -7.30 17.76
N ALA D 168 -11.42 -6.01 18.03
CA ALA D 168 -12.65 -5.31 18.37
C ALA D 168 -13.55 -5.07 17.16
N VAL D 169 -14.85 -5.00 17.42
CA VAL D 169 -15.82 -4.69 16.37
C VAL D 169 -16.06 -3.18 16.35
N ILE D 170 -15.74 -2.55 15.23
CA ILE D 170 -15.95 -1.11 15.07
C ILE D 170 -16.97 -0.81 13.98
N ALA D 171 -17.53 0.39 14.02
CA ALA D 171 -18.55 0.80 13.06
C ALA D 171 -18.24 0.31 11.65
N HIS D 172 -17.00 0.54 11.22
CA HIS D 172 -16.61 0.22 9.85
C HIS D 172 -16.92 -1.22 9.46
N ASP D 173 -16.90 -2.12 10.44
CA ASP D 173 -17.09 -3.54 10.19
C ASP D 173 -18.53 -3.88 9.78
N PHE D 174 -19.38 -2.86 9.74
CA PHE D 174 -20.79 -3.05 9.38
C PHE D 174 -21.11 -2.62 7.95
N LEU D 175 -20.23 -1.81 7.37
CA LEU D 175 -20.46 -1.26 6.03
C LEU D 175 -20.92 -2.32 5.03
N ALA D 176 -20.01 -3.18 4.63
CA ALA D 176 -20.27 -4.17 3.58
C ALA D 176 -21.62 -4.86 3.76
N PHE D 177 -21.91 -5.30 4.98
CA PHE D 177 -23.12 -6.06 5.25
C PHE D 177 -24.39 -5.25 5.04
N ILE D 178 -24.42 -4.03 5.57
CA ILE D 178 -25.61 -3.19 5.49
C ILE D 178 -25.74 -2.52 4.12
N LEU D 179 -24.67 -2.53 3.34
CA LEU D 179 -24.72 -2.04 1.97
C LEU D 179 -25.33 -3.10 1.05
N HIS D 180 -24.97 -4.35 1.28
CA HIS D 180 -25.52 -5.46 0.51
C HIS D 180 -27.03 -5.55 0.70
N ARG D 181 -27.51 -5.18 1.89
CA ARG D 181 -28.92 -5.29 2.22
C ARG D 181 -29.70 -4.05 1.80
N LEU D 182 -29.30 -3.46 0.69
CA LEU D 182 -29.93 -2.24 0.24
C LEU D 182 -30.56 -2.43 -1.14
N SER D 183 -31.09 -1.34 -1.66
CA SER D 183 -31.71 -1.35 -2.98
C SER D 183 -30.76 -0.73 -3.99
N LEU D 184 -29.47 -0.84 -3.70
CA LEU D 184 -28.44 -0.30 -4.56
C LEU D 184 -27.59 -1.42 -5.17
N PRO D 185 -27.12 -1.21 -6.41
CA PRO D 185 -26.22 -2.09 -7.13
C PRO D 185 -24.77 -1.78 -6.82
N ARG D 186 -23.91 -2.80 -6.87
CA ARG D 186 -22.48 -2.59 -6.70
C ARG D 186 -21.97 -1.61 -7.75
N ASP D 187 -22.79 -1.37 -8.76
CA ASP D 187 -22.41 -0.49 -9.86
C ASP D 187 -22.21 0.95 -9.40
N ARG D 188 -22.81 1.30 -8.26
CA ARG D 188 -22.71 2.66 -7.74
C ARG D 188 -22.20 2.71 -6.31
N GLN D 189 -21.90 1.55 -5.74
CA GLN D 189 -21.50 1.46 -4.34
C GLN D 189 -20.18 2.18 -4.03
N ALA D 190 -19.38 2.42 -5.07
CA ALA D 190 -18.07 3.04 -4.88
C ALA D 190 -18.14 4.38 -4.17
N LEU D 191 -18.91 5.31 -4.72
CA LEU D 191 -19.02 6.66 -4.17
C LEU D 191 -19.71 6.68 -2.81
N VAL D 192 -20.81 5.94 -2.68
CA VAL D 192 -21.54 5.89 -1.42
C VAL D 192 -20.63 5.43 -0.29
N LYS D 193 -19.91 4.35 -0.53
CA LYS D 193 -19.03 3.77 0.48
C LYS D 193 -17.94 4.74 0.92
N LYS D 194 -17.35 5.46 -0.04
CA LYS D 194 -16.30 6.41 0.28
C LYS D 194 -16.84 7.56 1.14
N HIS D 195 -17.93 8.15 0.69
CA HIS D 195 -18.54 9.27 1.41
C HIS D 195 -18.93 8.87 2.82
N ALA D 196 -19.42 7.63 2.97
CA ALA D 196 -19.83 7.13 4.28
C ALA D 196 -18.65 7.06 5.25
N GLN D 197 -17.45 6.89 4.71
CA GLN D 197 -16.27 6.70 5.53
C GLN D 197 -15.76 7.98 6.18
N THR D 198 -16.10 9.12 5.60
CA THR D 198 -15.70 10.39 6.21
C THR D 198 -16.57 10.67 7.43
N PHE D 199 -17.83 10.24 7.36
CA PHE D 199 -18.72 10.32 8.51
C PHE D 199 -18.21 9.38 9.60
N LEU D 200 -17.73 8.21 9.20
CA LEU D 200 -17.18 7.24 10.13
C LEU D 200 -15.93 7.78 10.81
N ALA D 201 -15.08 8.44 10.04
CA ALA D 201 -13.89 9.08 10.59
C ALA D 201 -14.30 10.24 11.49
N LEU D 202 -15.34 10.95 11.09
CA LEU D 202 -15.85 12.07 11.86
C LEU D 202 -16.20 11.61 13.26
N CYS D 203 -17.01 10.55 13.33
CA CYS D 203 -17.45 10.00 14.61
C CYS D 203 -16.25 9.67 15.52
N ALA D 204 -15.24 9.04 14.94
CA ALA D 204 -14.07 8.63 15.71
C ALA D 204 -13.33 9.81 16.33
N THR D 205 -13.45 10.98 15.71
CA THR D 205 -12.76 12.16 16.19
C THR D 205 -13.58 12.86 17.28
N ASP D 206 -14.90 12.76 17.18
CA ASP D 206 -15.80 13.44 18.10
C ASP D 206 -16.16 12.55 19.29
N TYR D 207 -15.84 13.00 20.49
CA TYR D 207 -16.02 12.20 21.70
C TYR D 207 -17.49 11.85 21.95
N THR D 208 -18.40 12.64 21.39
CA THR D 208 -19.83 12.44 21.63
C THR D 208 -20.30 11.09 21.12
N PHE D 209 -19.55 10.49 20.19
CA PHE D 209 -19.94 9.21 19.62
C PHE D 209 -19.12 8.06 20.20
N ALA D 210 -18.19 8.38 21.09
CA ALA D 210 -17.30 7.38 21.66
C ALA D 210 -18.05 6.18 22.22
N MET D 211 -19.08 6.45 23.02
CA MET D 211 -19.81 5.40 23.73
C MET D 211 -20.88 4.73 22.87
N TYR D 212 -21.11 5.28 21.68
CA TYR D 212 -22.12 4.74 20.78
C TYR D 212 -21.77 3.35 20.29
N PRO D 213 -22.77 2.47 20.18
CA PRO D 213 -22.57 1.15 19.60
C PRO D 213 -22.11 1.27 18.15
N PRO D 214 -21.11 0.47 17.76
CA PRO D 214 -20.57 0.53 16.40
C PRO D 214 -21.66 0.45 15.35
N SER D 215 -22.63 -0.44 15.55
CA SER D 215 -23.70 -0.65 14.60
C SER D 215 -24.50 0.63 14.34
N MET D 216 -24.77 1.39 15.41
CA MET D 216 -25.54 2.61 15.27
C MET D 216 -24.74 3.69 14.53
N ILE D 217 -23.45 3.78 14.84
CA ILE D 217 -22.57 4.71 14.16
C ILE D 217 -22.51 4.38 12.67
N ALA D 218 -22.43 3.09 12.37
CA ALA D 218 -22.36 2.63 10.99
C ALA D 218 -23.67 2.90 10.26
N THR D 219 -24.76 2.36 10.78
CA THR D 219 -26.06 2.51 10.16
C THR D 219 -26.49 3.97 10.09
N GLY D 220 -25.92 4.79 10.97
CA GLY D 220 -26.26 6.21 11.04
C GLY D 220 -25.49 7.06 10.05
N SER D 221 -24.19 6.81 9.98
CA SER D 221 -23.34 7.55 9.05
C SER D 221 -23.54 7.08 7.62
N ILE D 222 -23.99 5.84 7.46
CA ILE D 222 -24.25 5.29 6.14
C ILE D 222 -25.59 5.78 5.63
N GLY D 223 -26.43 6.25 6.55
CA GLY D 223 -27.70 6.86 6.19
C GLY D 223 -27.48 8.30 5.80
N ALA D 224 -26.59 8.97 6.53
CA ALA D 224 -26.24 10.35 6.21
C ALA D 224 -25.60 10.43 4.83
N ALA D 225 -24.89 9.37 4.45
CA ALA D 225 -24.21 9.32 3.17
C ALA D 225 -25.19 9.08 2.02
N VAL D 226 -25.99 8.02 2.14
CA VAL D 226 -26.94 7.66 1.09
C VAL D 226 -27.96 8.76 0.84
N GLN D 227 -28.36 9.45 1.90
CA GLN D 227 -29.33 10.53 1.78
C GLN D 227 -28.70 11.75 1.10
N GLY D 228 -27.39 11.89 1.24
CA GLY D 228 -26.67 12.99 0.60
C GLY D 228 -26.24 12.64 -0.80
N LEU D 229 -26.60 11.44 -1.25
CA LEU D 229 -26.25 10.97 -2.58
C LEU D 229 -27.49 10.51 -3.34
N GLY D 230 -28.65 10.64 -2.71
CA GLY D 230 -29.91 10.24 -3.32
C GLY D 230 -30.06 8.72 -3.41
N SER D 235 -38.12 8.12 0.43
CA SER D 235 -37.62 9.33 1.06
C SER D 235 -36.67 8.99 2.21
N GLY D 236 -36.76 9.76 3.29
CA GLY D 236 -35.92 9.56 4.46
C GLY D 236 -36.49 8.55 5.42
N ASP D 237 -37.81 8.60 5.61
CA ASP D 237 -38.49 7.69 6.52
C ASP D 237 -38.37 6.23 6.05
N GLU D 238 -38.58 6.03 4.76
CA GLU D 238 -38.48 4.69 4.17
C GLU D 238 -37.05 4.19 4.23
N LEU D 239 -36.10 5.12 4.19
CA LEU D 239 -34.69 4.78 4.21
C LEU D 239 -34.24 4.40 5.61
N THR D 240 -34.60 5.24 6.58
CA THR D 240 -34.22 5.00 7.97
C THR D 240 -34.84 3.71 8.51
N GLU D 241 -36.01 3.35 8.01
CA GLU D 241 -36.68 2.12 8.46
C GLU D 241 -36.04 0.89 7.82
N LEU D 242 -35.50 1.06 6.62
CA LEU D 242 -34.77 -0.02 5.97
C LEU D 242 -33.47 -0.30 6.70
N LEU D 243 -32.75 0.76 7.05
CA LEU D 243 -31.48 0.63 7.75
C LEU D 243 -31.67 0.06 9.14
N ALA D 244 -32.65 0.57 9.86
CA ALA D 244 -32.94 0.11 11.22
C ALA D 244 -33.33 -1.37 11.23
N GLY D 245 -34.13 -1.77 10.24
CA GLY D 245 -34.59 -3.15 10.14
C GLY D 245 -33.43 -4.14 9.98
N ILE D 246 -32.30 -3.64 9.49
CA ILE D 246 -31.13 -4.46 9.28
C ILE D 246 -30.38 -4.72 10.59
N THR D 247 -29.95 -3.65 11.24
CA THR D 247 -29.15 -3.75 12.45
C THR D 247 -30.00 -3.97 13.71
N GLY D 248 -31.31 -3.99 13.52
CA GLY D 248 -32.22 -4.22 14.64
C GLY D 248 -32.36 -3.03 15.58
N THR D 249 -31.84 -1.89 15.14
CA THR D 249 -31.94 -0.67 15.92
C THR D 249 -33.33 -0.06 15.78
N GLU D 250 -33.65 0.91 16.63
CA GLU D 250 -34.94 1.58 16.58
C GLU D 250 -34.89 2.77 15.63
N VAL D 251 -36.02 3.05 14.98
CA VAL D 251 -36.11 4.15 14.02
C VAL D 251 -35.85 5.49 14.70
N ASP D 252 -36.31 5.63 15.94
CA ASP D 252 -36.11 6.84 16.71
C ASP D 252 -34.62 7.13 16.89
N CYS D 253 -33.92 6.17 17.48
CA CYS D 253 -32.48 6.29 17.70
C CYS D 253 -31.77 6.67 16.40
N LEU D 254 -31.95 5.84 15.38
CA LEU D 254 -31.27 6.04 14.11
C LEU D 254 -31.36 7.47 13.62
N ARG D 255 -32.56 8.05 13.68
CA ARG D 255 -32.78 9.42 13.23
C ARG D 255 -31.98 10.43 14.05
N ALA D 256 -32.16 10.42 15.36
CA ALA D 256 -31.44 11.32 16.24
C ALA D 256 -29.93 11.16 16.02
N CYS D 257 -29.50 9.92 15.84
CA CYS D 257 -28.10 9.62 15.62
C CYS D 257 -27.64 10.16 14.28
N GLN D 258 -28.36 9.81 13.23
CA GLN D 258 -28.03 10.27 11.88
C GLN D 258 -27.97 11.80 11.83
N GLU D 259 -28.94 12.45 12.47
CA GLU D 259 -29.00 13.90 12.49
C GLU D 259 -27.84 14.51 13.28
N GLN D 260 -27.43 13.85 14.35
CA GLN D 260 -26.35 14.36 15.18
C GLN D 260 -25.02 14.32 14.44
N ILE D 261 -24.83 13.28 13.63
CA ILE D 261 -23.62 13.14 12.83
C ILE D 261 -23.55 14.24 11.79
N GLU D 262 -24.65 14.46 11.09
CA GLU D 262 -24.73 15.51 10.09
C GLU D 262 -24.50 16.88 10.73
N ALA D 263 -24.94 17.02 11.97
CA ALA D 263 -24.77 18.27 12.71
C ALA D 263 -23.32 18.44 13.14
N ALA D 264 -22.70 17.34 13.53
CA ALA D 264 -21.31 17.35 13.97
C ALA D 264 -20.37 17.67 12.82
N LEU D 265 -20.77 17.26 11.61
CA LEU D 265 -19.95 17.50 10.42
C LEU D 265 -19.83 18.98 10.13
N ARG D 266 -20.96 19.67 10.12
CA ARG D 266 -21.01 21.09 9.75
C ARG D 266 -20.36 21.97 10.79
N GLU D 267 -20.21 21.46 12.01
CA GLU D 267 -19.67 22.25 13.11
C GLU D 267 -18.27 21.81 13.52
N SER D 268 -17.68 20.90 12.76
CA SER D 268 -16.34 20.40 13.07
C SER D 268 -15.27 21.43 12.72
#